data_7Y15
#
_entry.id   7Y15
#
_cell.length_a   1.00
_cell.length_b   1.00
_cell.length_c   1.00
_cell.angle_alpha   90.00
_cell.angle_beta   90.00
_cell.angle_gamma   90.00
#
_symmetry.space_group_name_H-M   'P 1'
#
loop_
_entity.id
_entity.type
_entity.pdbx_description
1 polymer 'Guanine nucleotide-binding protein G(i) subunit alpha-1'
2 polymer 'Guanine nucleotide-binding protein G(I)/G(S)/G(T) subunit beta-1'
3 polymer 'Guanine nucleotide-binding protein G(I)/G(S)/G(O) subunit gamma-2'
4 polymer 'Soluble cytochrome b562,Mas-related G-protein coupled receptor member D'
5 polymer scFV16
6 non-polymer 'PALMITIC ACID'
#
loop_
_entity_poly.entity_id
_entity_poly.type
_entity_poly.pdbx_seq_one_letter_code
_entity_poly.pdbx_strand_id
1 'polypeptide(L)'
;MGCTLSAEDKAAVERSKMIDRNLREDGEKAAREVKLLLLGAGESGKSTIVKQMKIIHEAGYSEEECKQYKAVVYSNTIQS
IIAIIRAMGRLKIDFGDSARADDARQLFVLAGAAEEGFMTAELAGVIKRLWKDSGVQACFNRSREYQLNDSAAYYLNDLD
RIAQPNYIPTQQDVLRTRVKTTGIVETHFTFKDLHFKMFDVGAQRSERKKWIHCFEGVAAIIFCVALSDYDLVLAEDEEM
NRMHESMKLFDSICNNKWFTDTSIILFLNKKDLFEEKIKKSPLTICYQEYAGSNTYEEAAAYIQCQFEDLNKRKDTKEIY
THFTCSTDTKNVQFVFDAVTDVIIKNNLKDCGLF
;
A
2 'polypeptide(L)'
;MHHHHHHHHENLYFQGSSELDQLRQEAEQLKNQIRDARKACADATLSQITNNIDPVGRIQMRTRRTLRGHLAKIYAMHWG
TDSRLLVSASQDGKLIIWDSYTTNKVHAIPLRSSWVMTCAYAPSGNYVACGGLDNICSIYNLKTREGNVRVSRELAGHTG
YLSCCRFLDDNQIVTSSGDTTCALWDIETGQQTTTFTGHTGDVMSLSLAPDTRLFVSGACDASAKLWDVREGMCRQTFTG
HESDINAICFFPNGNAFATGSDDATCRLFDLRADQELMTYSHDNIICGITSVSFSKSGRLLLAGYDDFNCNVWDALKADR
AGVLAGHDNRVSCLGVTDDGMAVATGSWDSFLKIWN
;
B
3 'polypeptide(L)' MASNNTASIAQARKLVEQLKMEANIDRIKVSKAAADLMAYCEAHAKEDPLLTPVPASENPFREKKFFCAIL C
4 'polypeptide(L)'
;MKTIIALSYIFCLVFADYKDDDDKADLEDNWETLNDNLKVIEKADNAAQVKDALTKMRAAALDAQKATPPKLEDKSPDSP
EMKDFRHGFDILVGQIDDALKLANEGKVKEAQAAAEQLKTTRNAYIQKYLNSSGTVESALNYSRGSTVHTAYLVLSSLAM
FTCLCGMAGNSMVIWLLGFRMHRNPFCIYILNLAAADLLFLFSMASTLSLETQPLVNTTDKVHELMKRLMYFAYTVGLSL
LTAISTQRCLSVLFPIWFKCHRPRHLSAWVCGLLWTLCLLMNGLTSSFCSKFLKFNEDRCFRVDMVQAALIMGVLTPVMT
LSSLTLFVWVRRSSQQWRRQPTRLFVVVLASVLVFLICSLPLSIYWFVLYWLSLPPEMQVLCFSLSRLSSSVSSSANPVI
YFLVGSRRSHRLPTRSLGTVLQQALREEPELEGGETPTVGTNEMGA
;
R
5 'polypeptide(L)'
;LLVNQSHQGFNKEHTSKMVSAIVLYVLLAAAAHSAFADVQLVESGGGLVQPGGSRKLSCSASGFAFSSFGMHWVRQAPEK
GLEWVAYISSGSGTIYYADTVKGRFTISRDDPKNTLFLQMTSLRSEDTAMYYCVRSIYYYGSSPFDFWGQGTTLTVSSGG
GGSGGGGSGGGGSDIVMTQATSSVPVTPGESVSISCRSSKSLLHSNGNTYLYWFLQRPGQSPQLLIYRMSNLASGVPDRF
SGSGSGTAFTLTISRLEAEDVGVYYCMQHLEYPLTFGAGTKLELKAAAHHHHHHHH
;
S
#
# COMPACT_ATOMS: atom_id res chain seq x y z
N CYS A 3 -25.35 -2.08 -13.85
CA CYS A 3 -24.73 -1.03 -13.04
C CYS A 3 -23.69 -0.26 -13.85
N THR A 4 -24.14 0.30 -14.98
CA THR A 4 -23.36 1.13 -15.89
C THR A 4 -21.98 0.52 -16.22
N LEU A 5 -21.86 -0.80 -16.09
CA LEU A 5 -20.62 -1.51 -16.37
C LEU A 5 -20.87 -2.60 -17.41
N SER A 6 -19.86 -2.84 -18.24
CA SER A 6 -19.94 -3.93 -19.20
C SER A 6 -19.71 -5.27 -18.50
N ALA A 7 -19.96 -6.35 -19.24
CA ALA A 7 -19.75 -7.68 -18.70
C ALA A 7 -18.27 -7.94 -18.42
N GLU A 8 -17.38 -7.36 -19.24
CA GLU A 8 -15.95 -7.48 -19.00
C GLU A 8 -15.49 -6.57 -17.86
N ASP A 9 -16.10 -5.39 -17.72
CA ASP A 9 -15.78 -4.52 -16.59
C ASP A 9 -16.17 -5.15 -15.26
N LYS A 10 -17.32 -5.82 -15.23
CA LYS A 10 -17.76 -6.47 -14.00
C LYS A 10 -16.79 -7.56 -13.57
N ALA A 11 -16.28 -8.34 -14.53
CA ALA A 11 -15.31 -9.37 -14.21
C ALA A 11 -13.94 -8.77 -13.90
N ALA A 12 -13.68 -7.54 -14.34
CA ALA A 12 -12.44 -6.87 -13.95
C ALA A 12 -12.51 -6.38 -12.50
N VAL A 13 -13.68 -5.89 -12.08
CA VAL A 13 -13.85 -5.45 -10.69
C VAL A 13 -13.78 -6.64 -9.75
N GLU A 14 -14.29 -7.80 -10.17
CA GLU A 14 -14.21 -9.00 -9.35
C GLU A 14 -12.76 -9.43 -9.16
N ARG A 15 -11.95 -9.33 -10.21
CA ARG A 15 -10.53 -9.64 -10.09
C ARG A 15 -9.84 -8.68 -9.13
N SER A 16 -10.18 -7.40 -9.20
CA SER A 16 -9.61 -6.43 -8.27
C SER A 16 -10.02 -6.71 -6.83
N LYS A 17 -11.27 -7.13 -6.63
CA LYS A 17 -11.72 -7.48 -5.29
C LYS A 17 -11.00 -8.70 -4.75
N MET A 18 -10.77 -9.70 -5.60
CA MET A 18 -10.00 -10.87 -5.18
C MET A 18 -8.58 -10.47 -4.83
N ILE A 19 -8.00 -9.56 -5.62
CA ILE A 19 -6.64 -9.09 -5.33
C ILE A 19 -6.60 -8.34 -4.00
N ASP A 20 -7.61 -7.51 -3.73
CA ASP A 20 -7.69 -6.83 -2.44
C ASP A 20 -7.80 -7.82 -1.30
N ARG A 21 -8.64 -8.85 -1.46
CA ARG A 21 -8.79 -9.85 -0.41
C ARG A 21 -7.49 -10.58 -0.16
N ASN A 22 -6.74 -10.92 -1.22
CA ASN A 22 -5.45 -11.56 -1.02
C ASN A 22 -4.44 -10.62 -0.40
N LEU A 23 -4.51 -9.33 -0.70
CA LEU A 23 -3.61 -8.35 -0.09
C LEU A 23 -3.87 -8.23 1.40
N ARG A 24 -5.14 -8.22 1.81
CA ARG A 24 -5.45 -8.15 3.23
C ARG A 24 -4.96 -9.38 3.98
N GLU A 25 -5.14 -10.56 3.38
CA GLU A 25 -4.69 -11.79 4.02
C GLU A 25 -3.17 -11.83 4.15
N ASP A 26 -2.45 -11.36 3.13
CA ASP A 26 -0.99 -11.36 3.18
C ASP A 26 -0.48 -10.31 4.15
N GLY A 27 -1.14 -9.16 4.21
CA GLY A 27 -0.75 -8.10 5.13
C GLY A 27 -1.22 -8.27 6.55
N GLU A 28 -1.97 -9.33 6.84
CA GLU A 28 -2.41 -9.61 8.20
C GLU A 28 -1.46 -10.57 8.92
N LYS A 29 -0.84 -11.48 8.19
CA LYS A 29 0.19 -12.35 8.75
C LYS A 29 1.54 -11.65 8.86
N ALA A 30 1.72 -10.53 8.16
CA ALA A 30 2.94 -9.74 8.33
C ALA A 30 2.90 -8.93 9.62
N ALA A 31 1.72 -8.49 10.04
CA ALA A 31 1.58 -7.75 11.29
C ALA A 31 1.71 -8.62 12.52
N ARG A 32 1.69 -9.94 12.35
CA ARG A 32 1.87 -10.88 13.46
C ARG A 32 3.32 -11.34 13.60
N GLU A 33 4.23 -10.82 12.78
CA GLU A 33 5.64 -11.17 12.85
C GLU A 33 6.42 -10.01 13.46
N VAL A 34 7.56 -10.34 14.05
CA VAL A 34 8.42 -9.39 14.74
C VAL A 34 9.64 -9.11 13.88
N LYS A 35 9.90 -7.84 13.61
CA LYS A 35 11.03 -7.43 12.79
C LYS A 35 12.14 -6.89 13.68
N LEU A 36 13.33 -7.46 13.54
CA LEU A 36 14.51 -7.06 14.30
C LEU A 36 15.59 -6.60 13.33
N LEU A 37 16.29 -5.52 13.69
CA LEU A 37 17.37 -4.98 12.88
C LEU A 37 18.70 -5.36 13.52
N LEU A 38 19.48 -6.19 12.84
CA LEU A 38 20.76 -6.66 13.36
C LEU A 38 21.86 -5.71 12.92
N LEU A 39 22.67 -5.26 13.87
CA LEU A 39 23.72 -4.29 13.59
C LEU A 39 24.95 -4.63 14.41
N GLY A 40 26.08 -4.07 13.99
CA GLY A 40 27.35 -4.28 14.66
C GLY A 40 28.50 -4.12 13.70
N ALA A 41 29.68 -3.88 14.25
CA ALA A 41 30.88 -3.77 13.44
C ALA A 41 31.32 -5.15 12.94
N GLY A 42 32.23 -5.14 11.99
CA GLY A 42 32.71 -6.40 11.43
C GLY A 42 33.49 -7.20 12.46
N GLU A 43 33.35 -8.53 12.38
CA GLU A 43 34.02 -9.46 13.28
C GLU A 43 33.73 -9.14 14.75
N SER A 44 32.47 -8.80 15.04
CA SER A 44 32.06 -8.46 16.39
C SER A 44 31.07 -9.47 16.95
N GLY A 45 31.18 -10.73 16.54
CA GLY A 45 30.31 -11.77 17.04
C GLY A 45 28.91 -11.75 16.50
N LYS A 46 28.63 -10.90 15.51
CA LYS A 46 27.30 -10.84 14.92
C LYS A 46 26.91 -12.16 14.27
N SER A 47 27.86 -12.82 13.61
CA SER A 47 27.60 -14.12 13.03
C SER A 47 27.24 -15.15 14.10
N THR A 48 27.91 -15.08 15.25
CA THR A 48 27.64 -16.04 16.31
C THR A 48 26.20 -15.90 16.82
N ILE A 49 25.73 -14.67 17.04
CA ILE A 49 24.39 -14.49 17.55
C ILE A 49 23.32 -14.64 16.46
N VAL A 50 23.69 -14.50 15.19
CA VAL A 50 22.74 -14.76 14.12
C VAL A 50 22.68 -16.22 13.72
N LYS A 51 23.67 -17.03 14.12
CA LYS A 51 23.73 -18.44 13.78
C LYS A 51 23.38 -19.34 14.96
N GLN A 52 22.56 -18.85 15.88
CA GLN A 52 22.09 -19.69 16.96
C GLN A 52 21.25 -20.85 16.44
N MET A 53 20.34 -20.57 15.51
CA MET A 53 19.49 -21.59 14.90
C MET A 53 19.02 -21.07 13.55
N LYS A 54 19.29 -21.84 12.49
CA LYS A 54 18.89 -21.48 11.13
C LYS A 54 19.43 -20.11 10.73
N THR A 182 25.41 -9.56 -2.66
CA THR A 182 24.16 -9.68 -1.91
C THR A 182 24.07 -8.61 -0.82
N GLY A 183 22.88 -8.08 -0.62
CA GLY A 183 22.66 -7.03 0.36
C GLY A 183 22.15 -7.54 1.69
N ILE A 184 20.87 -7.34 1.95
CA ILE A 184 20.28 -7.76 3.23
C ILE A 184 20.25 -9.28 3.31
N VAL A 185 20.64 -9.81 4.46
CA VAL A 185 20.49 -11.23 4.78
C VAL A 185 19.35 -11.33 5.79
N GLU A 186 18.24 -11.93 5.37
CA GLU A 186 17.06 -12.04 6.22
C GLU A 186 16.99 -13.44 6.83
N THR A 187 16.89 -13.50 8.15
CA THR A 187 16.78 -14.75 8.88
C THR A 187 15.44 -14.79 9.60
N HIS A 188 14.66 -15.84 9.37
CA HIS A 188 13.37 -16.03 10.00
C HIS A 188 13.48 -17.19 10.98
N PHE A 189 13.12 -16.94 12.24
CA PHE A 189 13.12 -17.99 13.24
C PHE A 189 11.86 -17.86 14.10
N THR A 190 11.67 -18.81 15.00
CA THR A 190 10.49 -18.87 15.84
C THR A 190 10.89 -19.19 17.27
N PHE A 191 10.14 -18.64 18.22
CA PHE A 191 10.39 -18.91 19.64
C PHE A 191 9.10 -18.66 20.40
N LYS A 192 8.49 -19.74 20.90
CA LYS A 192 7.28 -19.67 21.72
C LYS A 192 6.16 -18.92 21.01
N ASP A 193 5.75 -19.47 19.87
CA ASP A 193 4.62 -18.96 19.08
C ASP A 193 4.83 -17.51 18.66
N LEU A 194 6.08 -17.12 18.42
CA LEU A 194 6.39 -15.78 17.94
C LEU A 194 7.39 -15.90 16.79
N HIS A 195 7.04 -15.29 15.66
CA HIS A 195 7.87 -15.37 14.45
C HIS A 195 8.70 -14.11 14.34
N PHE A 196 10.03 -14.28 14.26
CA PHE A 196 10.97 -13.18 14.20
C PHE A 196 11.63 -13.14 12.84
N LYS A 197 11.69 -11.95 12.25
CA LYS A 197 12.44 -11.67 11.03
C LYS A 197 13.56 -10.70 11.38
N MET A 198 14.80 -11.16 11.30
CA MET A 198 15.96 -10.36 11.64
C MET A 198 16.76 -10.10 10.36
N PHE A 199 16.99 -8.82 10.07
CA PHE A 199 17.62 -8.41 8.81
C PHE A 199 19.03 -7.92 9.09
N ASP A 200 20.02 -8.77 8.82
CA ASP A 200 21.42 -8.36 8.91
C ASP A 200 21.77 -7.55 7.68
N VAL A 201 22.20 -6.31 7.89
CA VAL A 201 22.44 -5.36 6.81
C VAL A 201 23.89 -4.83 6.85
N GLY A 202 24.78 -5.56 7.52
CA GLY A 202 26.15 -5.11 7.69
C GLY A 202 27.04 -5.25 6.48
N ALA A 203 26.54 -5.83 5.39
CA ALA A 203 27.32 -5.99 4.17
C ALA A 203 27.03 -4.90 3.14
N GLN A 204 26.31 -3.85 3.53
CA GLN A 204 25.98 -2.79 2.59
C GLN A 204 27.22 -1.99 2.19
N ARG A 205 28.01 -1.58 3.18
CA ARG A 205 29.25 -0.83 2.97
C ARG A 205 29.02 0.48 2.21
N SER A 206 27.82 1.05 2.33
CA SER A 206 27.50 2.31 1.68
C SER A 206 26.99 3.31 2.69
N GLU A 207 26.49 4.46 2.22
CA GLU A 207 26.01 5.50 3.12
C GLU A 207 24.80 5.00 3.90
N ARG A 208 24.95 4.90 5.22
CA ARG A 208 23.87 4.37 6.05
C ARG A 208 22.69 5.32 6.14
N LYS A 209 22.94 6.62 5.99
CA LYS A 209 21.88 7.62 6.15
C LYS A 209 20.82 7.52 5.07
N LYS A 210 21.05 6.76 4.00
CA LYS A 210 20.12 6.71 2.88
C LYS A 210 19.13 5.56 2.98
N TRP A 211 19.56 4.41 3.50
CA TRP A 211 18.69 3.25 3.60
C TRP A 211 18.32 2.90 5.04
N ILE A 212 18.58 3.80 5.99
CA ILE A 212 18.27 3.49 7.38
C ILE A 212 16.82 3.81 7.74
N HIS A 213 16.17 4.70 6.98
CA HIS A 213 14.75 4.98 7.23
C HIS A 213 13.84 3.85 6.79
N CYS A 214 14.36 2.90 6.00
CA CYS A 214 13.56 1.74 5.61
C CYS A 214 13.25 0.86 6.81
N PHE A 215 14.07 0.92 7.86
CA PHE A 215 13.89 0.09 9.04
C PHE A 215 13.18 0.83 10.17
N GLU A 216 12.66 2.02 9.91
CA GLU A 216 11.86 2.74 10.90
C GLU A 216 10.57 1.98 11.12
N GLY A 217 10.47 1.27 12.24
CA GLY A 217 9.30 0.46 12.52
C GLY A 217 9.63 -0.95 12.98
N VAL A 218 10.92 -1.24 13.12
CA VAL A 218 11.31 -2.55 13.65
C VAL A 218 11.02 -2.61 15.14
N ALA A 219 10.84 -3.83 15.64
CA ALA A 219 10.58 -4.00 17.07
C ALA A 219 11.79 -3.62 17.91
N ALA A 220 12.97 -4.09 17.53
CA ALA A 220 14.17 -3.81 18.30
C ALA A 220 15.40 -3.87 17.40
N ILE A 221 16.46 -3.24 17.86
CA ILE A 221 17.75 -3.24 17.19
C ILE A 221 18.70 -4.10 18.01
N ILE A 222 19.11 -5.23 17.45
CA ILE A 222 20.06 -6.12 18.11
C ILE A 222 21.46 -5.66 17.72
N PHE A 223 22.12 -4.97 18.64
CA PHE A 223 23.45 -4.40 18.39
C PHE A 223 24.50 -5.30 19.03
N CYS A 224 25.40 -5.84 18.21
CA CYS A 224 26.37 -6.82 18.64
C CYS A 224 27.76 -6.18 18.74
N VAL A 225 28.40 -6.34 19.90
CA VAL A 225 29.73 -5.81 20.14
C VAL A 225 30.58 -6.89 20.77
N ALA A 226 31.82 -7.03 20.28
CA ALA A 226 32.76 -7.99 20.84
C ALA A 226 33.55 -7.31 21.95
N LEU A 227 33.52 -7.89 23.15
CA LEU A 227 34.26 -7.32 24.27
C LEU A 227 35.77 -7.44 24.04
N SER A 228 36.21 -8.54 23.43
CA SER A 228 37.64 -8.76 23.23
C SER A 228 38.27 -7.75 22.28
N ASP A 229 37.48 -7.08 21.46
CA ASP A 229 38.00 -6.10 20.51
C ASP A 229 38.11 -4.71 21.14
N TYR A 230 38.79 -4.63 22.29
CA TYR A 230 38.99 -3.36 22.97
C TYR A 230 40.36 -2.75 22.70
N ASP A 231 41.27 -3.49 22.09
CA ASP A 231 42.60 -2.97 21.78
C ASP A 231 43.08 -3.30 20.38
N LEU A 232 42.30 -4.01 19.59
CA LEU A 232 42.70 -4.36 18.23
C LEU A 232 42.52 -3.19 17.27
N MET A 240 40.86 4.02 14.79
CA MET A 240 41.71 2.85 14.58
C MET A 240 41.37 1.73 15.56
N ASN A 241 40.89 2.12 16.74
CA ASN A 241 40.50 1.16 17.76
C ASN A 241 39.16 0.53 17.39
N ARG A 242 39.10 -0.81 17.47
CA ARG A 242 37.86 -1.51 17.14
C ARG A 242 36.74 -1.16 18.12
N MET A 243 37.06 -1.09 19.41
CA MET A 243 36.05 -0.71 20.39
C MET A 243 35.57 0.72 20.17
N HIS A 244 36.49 1.62 19.81
CA HIS A 244 36.09 2.99 19.52
C HIS A 244 35.16 3.04 18.31
N GLU A 245 35.43 2.22 17.29
CA GLU A 245 34.52 2.14 16.15
C GLU A 245 33.15 1.61 16.57
N SER A 246 33.13 0.61 17.45
CA SER A 246 31.87 0.08 17.93
C SER A 246 31.06 1.13 18.69
N MET A 247 31.72 1.90 19.56
CA MET A 247 31.03 2.97 20.27
C MET A 247 30.56 4.05 19.32
N LYS A 248 31.36 4.36 18.29
CA LYS A 248 30.92 5.35 17.30
C LYS A 248 29.67 4.89 16.59
N LEU A 249 29.63 3.61 16.19
CA LEU A 249 28.43 3.08 15.53
C LEU A 249 27.24 3.09 16.47
N PHE A 250 27.45 2.72 17.73
CA PHE A 250 26.35 2.72 18.70
C PHE A 250 25.82 4.12 18.92
N ASP A 251 26.70 5.11 19.03
CA ASP A 251 26.27 6.50 19.18
C ASP A 251 25.52 6.97 17.94
N SER A 252 25.98 6.58 16.75
CA SER A 252 25.32 6.99 15.53
C SER A 252 23.92 6.39 15.42
N ILE A 253 23.75 5.13 15.78
CA ILE A 253 22.48 4.46 15.54
C ILE A 253 21.49 4.65 16.68
N CYS A 254 21.97 4.71 17.93
CA CYS A 254 21.07 4.84 19.07
C CYS A 254 20.35 6.19 19.07
N ASN A 255 21.05 7.25 18.71
CA ASN A 255 20.50 8.60 18.71
C ASN A 255 19.94 9.00 17.35
N ASN A 256 19.70 8.03 16.47
CA ASN A 256 19.11 8.31 15.17
C ASN A 256 17.67 8.77 15.34
N LYS A 257 17.24 9.67 14.46
CA LYS A 257 15.88 10.19 14.53
C LYS A 257 14.84 9.13 14.16
N TRP A 258 15.23 8.17 13.32
CA TRP A 258 14.30 7.10 12.95
C TRP A 258 14.13 6.07 14.06
N PHE A 259 15.14 5.88 14.89
CA PHE A 259 15.11 4.91 15.97
C PHE A 259 15.05 5.59 17.33
N THR A 260 14.34 6.71 17.41
CA THR A 260 14.23 7.45 18.66
C THR A 260 13.40 6.71 19.70
N ASP A 261 12.50 5.83 19.28
CA ASP A 261 11.66 5.09 20.21
C ASP A 261 11.94 3.59 20.23
N THR A 262 12.59 3.05 19.20
CA THR A 262 12.86 1.62 19.17
C THR A 262 13.88 1.24 20.23
N SER A 263 13.65 0.10 20.87
CA SER A 263 14.55 -0.38 21.91
C SER A 263 15.77 -1.06 21.28
N ILE A 264 16.84 -1.12 22.06
CA ILE A 264 18.11 -1.69 21.62
C ILE A 264 18.45 -2.84 22.55
N ILE A 265 18.69 -4.01 21.96
CA ILE A 265 19.21 -5.17 22.68
C ILE A 265 20.70 -5.22 22.40
N LEU A 266 21.51 -4.85 23.38
CA LEU A 266 22.95 -4.75 23.22
C LEU A 266 23.59 -6.05 23.71
N PHE A 267 24.12 -6.82 22.77
CA PHE A 267 24.84 -8.04 23.10
C PHE A 267 26.33 -7.72 23.16
N LEU A 268 26.98 -8.14 24.24
CA LEU A 268 28.41 -7.99 24.44
C LEU A 268 28.99 -9.39 24.51
N ASN A 269 29.48 -9.89 23.37
CA ASN A 269 29.87 -11.28 23.24
C ASN A 269 31.38 -11.44 23.28
N LYS A 270 31.85 -12.67 23.08
CA LYS A 270 33.26 -13.04 23.23
C LYS A 270 33.76 -12.66 24.62
N LYS A 271 32.93 -12.93 25.64
CA LYS A 271 33.31 -12.60 27.01
C LYS A 271 34.36 -13.54 27.56
N ASP A 272 34.41 -14.77 27.04
CA ASP A 272 35.47 -15.70 27.45
C ASP A 272 36.84 -15.19 27.01
N LEU A 273 36.95 -14.77 25.75
CA LEU A 273 38.19 -14.18 25.28
C LEU A 273 38.50 -12.87 25.99
N PHE A 274 37.46 -12.11 26.36
CA PHE A 274 37.68 -10.90 27.13
C PHE A 274 38.27 -11.22 28.50
N GLU A 275 37.76 -12.26 29.16
CA GLU A 275 38.32 -12.69 30.43
C GLU A 275 39.77 -13.15 30.28
N GLU A 276 40.04 -13.93 29.23
CA GLU A 276 41.41 -14.38 28.99
C GLU A 276 42.36 -13.20 28.76
N LYS A 277 41.92 -12.22 27.97
CA LYS A 277 42.75 -11.05 27.72
C LYS A 277 42.97 -10.24 28.98
N ILE A 278 41.92 -10.06 29.79
CA ILE A 278 42.05 -9.32 31.04
C ILE A 278 43.03 -10.01 31.98
N LYS A 279 42.96 -11.34 32.04
CA LYS A 279 43.96 -12.09 32.80
C LYS A 279 45.36 -11.87 32.24
N LYS A 280 45.48 -11.83 30.91
CA LYS A 280 46.78 -11.58 30.30
C LYS A 280 47.19 -10.11 30.41
N SER A 281 46.25 -9.19 30.19
CA SER A 281 46.57 -7.77 30.20
C SER A 281 45.36 -6.94 30.62
N PRO A 282 45.55 -5.95 31.48
CA PRO A 282 44.41 -5.14 31.94
C PRO A 282 43.90 -4.23 30.83
N LEU A 283 42.66 -3.74 31.04
CA LEU A 283 42.06 -2.81 30.10
C LEU A 283 42.78 -1.47 30.07
N THR A 284 43.48 -1.11 31.15
CA THR A 284 44.13 0.18 31.24
C THR A 284 45.31 0.34 30.28
N ILE A 285 45.76 -0.76 29.65
CA ILE A 285 46.87 -0.65 28.71
C ILE A 285 46.48 0.19 27.50
N CYS A 286 45.21 0.11 27.08
CA CYS A 286 44.70 0.91 25.96
C CYS A 286 43.78 2.03 26.41
N TYR A 287 42.92 1.79 27.40
CA TYR A 287 42.02 2.80 27.92
C TYR A 287 42.72 3.62 28.99
N GLN A 288 42.53 4.94 28.95
CA GLN A 288 43.16 5.86 29.88
C GLN A 288 42.24 6.29 31.01
N GLU A 289 40.94 6.46 30.74
CA GLU A 289 40.02 6.94 31.76
C GLU A 289 39.64 5.86 32.77
N TYR A 290 40.06 4.61 32.56
CA TYR A 290 39.70 3.53 33.46
C TYR A 290 40.49 3.61 34.75
N ALA A 291 39.94 4.29 35.75
CA ALA A 291 40.58 4.41 37.06
C ALA A 291 40.22 3.26 38.00
N GLY A 292 39.35 2.34 37.58
CA GLY A 292 38.95 1.23 38.41
C GLY A 292 39.95 0.10 38.42
N SER A 293 39.61 -0.95 39.16
CA SER A 293 40.49 -2.10 39.29
C SER A 293 40.50 -2.91 38.00
N ASN A 294 41.61 -3.62 37.79
CA ASN A 294 41.79 -4.46 36.60
C ASN A 294 41.18 -5.84 36.78
N THR A 295 39.90 -5.88 37.13
CA THR A 295 39.16 -7.12 37.31
C THR A 295 38.19 -7.31 36.14
N TYR A 296 37.92 -8.58 35.84
CA TYR A 296 37.05 -8.89 34.70
C TYR A 296 35.64 -8.34 34.92
N GLU A 297 35.09 -8.55 36.13
CA GLU A 297 33.75 -8.04 36.43
C GLU A 297 33.72 -6.53 36.40
N GLU A 298 34.72 -5.88 37.01
CA GLU A 298 34.76 -4.42 37.01
C GLU A 298 34.92 -3.86 35.61
N ALA A 299 35.79 -4.47 34.80
CA ALA A 299 36.00 -4.00 33.43
C ALA A 299 34.73 -4.18 32.60
N ALA A 300 34.06 -5.32 32.74
CA ALA A 300 32.82 -5.54 32.00
C ALA A 300 31.74 -4.55 32.41
N ALA A 301 31.62 -4.30 33.72
CA ALA A 301 30.64 -3.31 34.19
C ALA A 301 30.98 -1.92 33.67
N TYR A 302 32.27 -1.57 33.65
CA TYR A 302 32.68 -0.27 33.11
C TYR A 302 32.32 -0.15 31.63
N ILE A 303 32.59 -1.19 30.85
CA ILE A 303 32.27 -1.15 29.43
C ILE A 303 30.76 -1.02 29.22
N GLN A 304 29.98 -1.80 29.97
CA GLN A 304 28.53 -1.73 29.83
C GLN A 304 28.00 -0.36 30.21
N CYS A 305 28.50 0.21 31.31
CA CYS A 305 28.05 1.54 31.74
C CYS A 305 28.44 2.60 30.73
N GLN A 306 29.63 2.49 30.15
CA GLN A 306 30.03 3.44 29.12
C GLN A 306 29.14 3.32 27.88
N PHE A 307 28.73 2.09 27.56
CA PHE A 307 27.89 1.90 26.38
C PHE A 307 26.48 2.44 26.59
N GLU A 308 25.88 2.19 27.75
CA GLU A 308 24.57 2.79 27.99
C GLU A 308 24.65 4.24 28.48
N ASP A 309 25.84 4.82 28.53
CA ASP A 309 25.99 6.26 28.75
C ASP A 309 26.00 7.04 27.45
N LEU A 310 25.82 6.36 26.32
CA LEU A 310 25.96 6.97 25.00
C LEU A 310 24.64 7.36 24.36
N ASN A 311 23.52 7.15 25.05
CA ASN A 311 22.20 7.53 24.53
C ASN A 311 21.75 8.82 25.22
N LYS A 312 21.52 9.86 24.42
CA LYS A 312 21.14 11.15 24.98
C LYS A 312 19.79 11.08 25.68
N ARG A 313 18.82 10.39 25.08
CA ARG A 313 17.45 10.34 25.58
C ARG A 313 17.18 8.95 26.12
N LYS A 314 17.15 8.82 27.45
CA LYS A 314 16.89 7.56 28.12
C LYS A 314 15.43 7.34 28.46
N ASP A 315 14.56 8.29 28.15
CA ASP A 315 13.14 8.16 28.46
C ASP A 315 12.34 7.57 27.30
N THR A 316 12.73 7.87 26.06
CA THR A 316 11.97 7.37 24.91
C THR A 316 12.23 5.90 24.63
N LYS A 317 13.45 5.41 24.90
CA LYS A 317 13.83 4.04 24.57
C LYS A 317 14.55 3.42 25.74
N GLU A 318 14.54 2.09 25.78
CA GLU A 318 15.19 1.30 26.83
C GLU A 318 16.25 0.41 26.19
N ILE A 319 17.46 0.48 26.72
CA ILE A 319 18.59 -0.30 26.21
C ILE A 319 18.72 -1.54 27.07
N TYR A 320 18.62 -2.71 26.44
CA TYR A 320 18.76 -3.99 27.12
C TYR A 320 20.17 -4.52 26.85
N THR A 321 20.95 -4.68 27.91
CA THR A 321 22.34 -5.09 27.80
C THR A 321 22.48 -6.53 28.29
N HIS A 322 23.15 -7.36 27.49
CA HIS A 322 23.32 -8.77 27.80
C HIS A 322 24.76 -9.18 27.50
N PHE A 323 25.34 -9.97 28.41
CA PHE A 323 26.68 -10.49 28.26
C PHE A 323 26.58 -11.94 27.78
N THR A 324 27.11 -12.21 26.59
CA THR A 324 27.00 -13.52 25.98
C THR A 324 28.40 -14.02 25.60
N CYS A 325 28.43 -15.25 25.05
CA CYS A 325 29.67 -15.87 24.63
C CYS A 325 29.35 -16.86 23.52
N SER A 326 30.35 -17.67 23.14
CA SER A 326 30.16 -18.65 22.07
C SER A 326 29.14 -19.71 22.46
N THR A 327 29.19 -20.19 23.69
CA THR A 327 28.32 -21.26 24.18
C THR A 327 27.26 -20.64 25.08
N ASP A 328 26.16 -20.21 24.48
CA ASP A 328 25.04 -19.65 25.22
C ASP A 328 23.74 -20.01 24.54
N THR A 329 22.68 -20.16 25.35
CA THR A 329 21.35 -20.45 24.84
C THR A 329 20.30 -19.46 25.35
N LYS A 330 20.68 -18.51 26.19
CA LYS A 330 19.74 -17.55 26.76
C LYS A 330 19.54 -16.33 25.87
N ASN A 331 20.26 -16.23 24.75
CA ASN A 331 20.11 -15.07 23.88
C ASN A 331 18.70 -15.00 23.29
N VAL A 332 18.16 -16.14 22.86
CA VAL A 332 16.82 -16.16 22.29
C VAL A 332 15.79 -15.78 23.34
N GLN A 333 15.94 -16.30 24.56
CA GLN A 333 15.01 -15.95 25.63
C GLN A 333 15.09 -14.47 25.96
N PHE A 334 16.30 -13.91 25.97
CA PHE A 334 16.46 -12.49 26.32
C PHE A 334 15.85 -11.60 25.25
N VAL A 335 16.09 -11.90 23.98
CA VAL A 335 15.47 -11.09 22.92
C VAL A 335 13.96 -11.27 22.95
N PHE A 336 13.47 -12.48 23.28
CA PHE A 336 12.03 -12.69 23.39
C PHE A 336 11.43 -11.85 24.50
N ASP A 337 12.11 -11.76 25.65
CA ASP A 337 11.61 -10.96 26.76
C ASP A 337 11.61 -9.47 26.39
N ALA A 338 12.66 -9.01 25.73
CA ALA A 338 12.70 -7.61 25.30
C ALA A 338 11.58 -7.31 24.31
N VAL A 339 11.34 -8.23 23.37
CA VAL A 339 10.26 -8.04 22.41
C VAL A 339 8.90 -8.08 23.09
N THR A 340 8.75 -8.90 24.13
CA THR A 340 7.50 -8.90 24.89
C THR A 340 7.29 -7.56 25.57
N ASP A 341 8.35 -6.99 26.13
CA ASP A 341 8.24 -5.65 26.73
C ASP A 341 7.83 -4.62 25.69
N VAL A 342 8.47 -4.63 24.52
CA VAL A 342 8.13 -3.64 23.50
C VAL A 342 6.73 -3.88 22.94
N ILE A 343 6.26 -5.13 22.95
CA ILE A 343 4.90 -5.43 22.51
C ILE A 343 3.89 -4.86 23.50
N ILE A 344 4.13 -5.05 24.79
CA ILE A 344 3.27 -4.45 25.81
C ILE A 344 3.26 -2.93 25.66
N LYS A 345 4.43 -2.34 25.44
CA LYS A 345 4.51 -0.89 25.25
C LYS A 345 3.74 -0.44 24.01
N ASN A 346 3.83 -1.21 22.93
CA ASN A 346 3.10 -0.87 21.71
C ASN A 346 1.59 -0.95 21.95
N ASN A 347 1.14 -1.97 22.67
CA ASN A 347 -0.28 -2.07 23.01
C ASN A 347 -0.73 -0.87 23.84
N LEU A 348 0.09 -0.48 24.82
CA LEU A 348 -0.25 0.67 25.66
C LEU A 348 -0.30 1.95 24.82
N LYS A 349 0.61 2.10 23.87
CA LYS A 349 0.55 3.24 22.96
C LYS A 349 -0.71 3.20 22.13
N ASP A 350 -1.13 2.01 21.70
CA ASP A 350 -2.37 1.87 20.94
C ASP A 350 -3.58 2.31 21.77
N CYS A 351 -3.63 1.90 23.03
CA CYS A 351 -4.71 2.34 23.90
C CYS A 351 -4.68 3.84 24.12
N GLY A 352 -3.50 4.45 24.06
CA GLY A 352 -3.31 5.83 24.43
C GLY A 352 -2.94 6.06 25.88
N LEU A 353 -2.92 5.00 26.69
CA LEU A 353 -2.52 5.14 28.08
C LEU A 353 -1.07 5.59 28.18
N PHE A 354 -0.20 5.06 27.34
CA PHE A 354 1.21 5.42 27.33
C PHE A 354 1.46 6.64 26.46
N GLU B 19 54.38 13.61 -9.90
CA GLU B 19 54.07 13.10 -8.56
C GLU B 19 52.61 13.36 -8.19
N LEU B 20 52.23 12.94 -6.99
CA LEU B 20 50.85 13.15 -6.54
C LEU B 20 50.52 14.62 -6.43
N ASP B 21 51.44 15.42 -5.88
CA ASP B 21 51.19 16.86 -5.73
C ASP B 21 51.08 17.54 -7.09
N GLN B 22 51.92 17.14 -8.06
CA GLN B 22 51.85 17.72 -9.39
C GLN B 22 50.51 17.42 -10.05
N LEU B 23 50.05 16.16 -9.93
CA LEU B 23 48.77 15.80 -10.53
C LEU B 23 47.61 16.51 -9.83
N ARG B 24 47.70 16.68 -8.51
CA ARG B 24 46.67 17.43 -7.79
C ARG B 24 46.63 18.88 -8.25
N GLN B 25 47.80 19.50 -8.43
CA GLN B 25 47.85 20.87 -8.94
C GLN B 25 47.27 20.95 -10.35
N GLU B 26 47.58 19.96 -11.19
CA GLU B 26 47.04 19.93 -12.55
C GLU B 26 45.52 19.82 -12.52
N ALA B 27 44.98 18.97 -11.64
CA ALA B 27 43.54 18.83 -11.52
C ALA B 27 42.89 20.11 -11.03
N GLU B 28 43.53 20.79 -10.07
CA GLU B 28 43.01 22.07 -9.58
C GLU B 28 43.01 23.11 -10.69
N GLN B 29 44.08 23.16 -11.48
CA GLN B 29 44.14 24.11 -12.59
C GLN B 29 43.07 23.80 -13.64
N LEU B 30 42.85 22.52 -13.92
CA LEU B 30 41.80 22.13 -14.87
C LEU B 30 40.43 22.54 -14.36
N LYS B 31 40.17 22.32 -13.06
CA LYS B 31 38.89 22.72 -12.48
C LYS B 31 38.71 24.24 -12.54
N ASN B 32 39.77 24.99 -12.27
CA ASN B 32 39.68 26.44 -12.34
C ASN B 32 39.41 26.91 -13.77
N GLN B 33 40.06 26.27 -14.75
CA GLN B 33 39.80 26.61 -16.14
C GLN B 33 38.37 26.29 -16.54
N ILE B 34 37.85 25.16 -16.06
CA ILE B 34 36.46 24.79 -16.34
C ILE B 34 35.51 25.82 -15.73
N ARG B 35 35.79 26.23 -14.49
CA ARG B 35 34.95 27.23 -13.84
C ARG B 35 34.99 28.56 -14.59
N ASP B 36 36.17 28.96 -15.06
CA ASP B 36 36.28 30.19 -15.82
C ASP B 36 35.51 30.10 -17.14
N ALA B 37 35.60 28.95 -17.81
CA ALA B 37 34.88 28.76 -19.06
C ALA B 37 33.36 28.80 -18.84
N ARG B 38 32.90 28.18 -17.75
CA ARG B 38 31.48 28.23 -17.43
C ARG B 38 31.02 29.63 -17.12
N LYS B 39 31.84 30.38 -16.36
CA LYS B 39 31.48 31.76 -16.00
C LYS B 39 31.50 32.68 -17.21
N ALA B 40 32.35 32.39 -18.20
CA ALA B 40 32.48 33.29 -19.35
C ALA B 40 31.20 33.35 -20.16
N CYS B 41 30.55 32.21 -20.39
CA CYS B 41 29.39 32.14 -21.26
C CYS B 41 28.07 32.45 -20.55
N ALA B 42 28.11 32.74 -19.25
CA ALA B 42 26.91 33.11 -18.50
C ALA B 42 26.62 34.59 -18.74
N ASP B 43 25.99 34.87 -19.88
CA ASP B 43 25.71 36.26 -20.25
C ASP B 43 24.66 36.88 -19.32
N ALA B 44 23.55 36.18 -19.11
CA ALA B 44 22.47 36.69 -18.29
C ALA B 44 21.81 35.55 -17.54
N THR B 45 21.16 35.88 -16.44
CA THR B 45 20.49 34.86 -15.63
C THR B 45 19.22 34.39 -16.32
N LEU B 46 18.82 33.16 -15.97
CA LEU B 46 17.58 32.60 -16.53
C LEU B 46 16.36 33.44 -16.13
N SER B 47 16.31 33.87 -14.87
CA SER B 47 15.17 34.65 -14.41
C SER B 47 15.08 36.00 -15.11
N GLN B 48 16.21 36.53 -15.59
CA GLN B 48 16.19 37.80 -16.31
C GLN B 48 15.41 37.66 -17.62
N ILE B 49 15.67 36.59 -18.36
CA ILE B 49 14.98 36.39 -19.64
C ILE B 49 13.51 36.04 -19.39
N THR B 50 13.24 35.18 -18.40
CA THR B 50 11.86 34.84 -18.07
C THR B 50 11.26 35.90 -17.16
N ASN B 51 11.32 37.16 -17.58
CA ASN B 51 10.71 38.28 -16.89
C ASN B 51 9.78 39.01 -17.85
N ASN B 52 8.83 39.74 -17.28
CA ASN B 52 7.75 40.37 -18.05
C ASN B 52 6.97 39.33 -18.84
N ILE B 53 6.93 38.10 -18.34
CA ILE B 53 6.22 36.99 -18.95
C ILE B 53 5.07 36.62 -18.04
N ASP B 54 3.94 36.24 -18.64
CA ASP B 54 2.76 35.90 -17.86
C ASP B 54 3.04 34.70 -16.97
N PRO B 55 2.89 34.82 -15.65
CA PRO B 55 3.15 33.68 -14.77
C PRO B 55 2.06 32.63 -14.89
N VAL B 56 2.38 31.43 -14.41
CA VAL B 56 1.41 30.34 -14.41
C VAL B 56 0.24 30.68 -13.52
N GLY B 57 0.51 31.25 -12.35
CA GLY B 57 -0.54 31.57 -11.39
C GLY B 57 -0.83 30.40 -10.46
N ARG B 58 -1.58 30.72 -9.40
CA ARG B 58 -1.95 29.71 -8.41
C ARG B 58 -2.92 28.72 -9.06
N ILE B 59 -2.43 27.53 -9.38
CA ILE B 59 -3.22 26.49 -10.02
C ILE B 59 -3.45 25.38 -9.01
N GLN B 60 -4.72 25.13 -8.69
CA GLN B 60 -5.10 24.10 -7.74
C GLN B 60 -5.53 22.85 -8.49
N MET B 61 -4.96 21.70 -8.10
CA MET B 61 -5.26 20.43 -8.72
C MET B 61 -5.80 19.49 -7.65
N ARG B 62 -6.91 18.84 -7.94
CA ARG B 62 -7.61 18.01 -6.97
C ARG B 62 -7.29 16.54 -7.19
N THR B 63 -7.40 15.76 -6.12
CA THR B 63 -7.17 14.33 -6.20
C THR B 63 -8.42 13.64 -6.73
N ARG B 64 -8.29 13.02 -7.90
CA ARG B 64 -9.40 12.34 -8.56
C ARG B 64 -9.56 10.90 -8.11
N ARG B 65 -8.47 10.18 -7.92
CA ARG B 65 -8.50 8.80 -7.47
C ARG B 65 -7.55 8.62 -6.31
N THR B 66 -7.88 7.66 -5.44
CA THR B 66 -7.02 7.24 -4.35
C THR B 66 -6.86 5.74 -4.44
N LEU B 67 -5.62 5.28 -4.49
CA LEU B 67 -5.31 3.86 -4.62
C LEU B 67 -4.98 3.31 -3.23
N ARG B 68 -5.73 2.30 -2.80
CA ARG B 68 -5.83 1.91 -1.40
C ARG B 68 -5.49 0.43 -1.20
N GLY B 69 -4.37 -0.01 -1.74
CA GLY B 69 -4.01 -1.41 -1.61
C GLY B 69 -2.77 -1.68 -0.78
N HIS B 70 -1.83 -0.75 -0.77
CA HIS B 70 -0.56 -0.98 -0.10
C HIS B 70 -0.72 -0.88 1.42
N LEU B 71 0.04 -1.69 2.14
CA LEU B 71 -0.01 -1.75 3.58
C LEU B 71 1.34 -1.38 4.21
N ALA B 72 2.12 -0.56 3.51
CA ALA B 72 3.40 -0.08 4.00
C ALA B 72 3.81 1.12 3.16
N LYS B 73 4.97 1.69 3.49
CA LYS B 73 5.44 2.87 2.78
C LYS B 73 5.72 2.56 1.32
N ILE B 74 5.40 3.52 0.45
CA ILE B 74 5.64 3.43 -0.99
C ILE B 74 6.87 4.28 -1.30
N TYR B 75 7.86 3.67 -1.96
CA TYR B 75 9.06 4.38 -2.39
C TYR B 75 9.10 4.72 -3.87
N ALA B 76 8.44 3.95 -4.73
CA ALA B 76 8.55 4.18 -6.16
C ALA B 76 7.25 3.89 -6.87
N MET B 77 6.96 4.69 -7.88
CA MET B 77 5.90 4.44 -8.84
C MET B 77 6.38 4.84 -10.22
N HIS B 78 5.84 4.17 -11.24
CA HIS B 78 6.13 4.53 -12.61
C HIS B 78 4.87 4.40 -13.44
N TRP B 79 4.60 5.39 -14.28
CA TRP B 79 3.49 5.35 -15.20
C TRP B 79 3.79 4.45 -16.39
N GLY B 80 2.73 3.86 -16.94
CA GLY B 80 2.86 3.21 -18.23
C GLY B 80 2.86 4.19 -19.37
N THR B 81 3.33 3.74 -20.53
CA THR B 81 3.40 4.62 -21.69
C THR B 81 2.03 4.93 -22.26
N ASP B 82 1.02 4.15 -21.90
CA ASP B 82 -0.35 4.43 -22.32
C ASP B 82 -1.08 5.36 -21.37
N SER B 83 -0.41 5.82 -20.31
CA SER B 83 -0.95 6.76 -19.33
C SER B 83 -2.14 6.21 -18.56
N ARG B 84 -2.31 4.88 -18.56
CA ARG B 84 -3.40 4.25 -17.85
C ARG B 84 -2.91 3.28 -16.79
N LEU B 85 -2.00 2.38 -17.14
CA LEU B 85 -1.44 1.45 -16.16
C LEU B 85 -0.43 2.17 -15.29
N LEU B 86 -0.31 1.69 -14.04
CA LEU B 86 0.56 2.37 -13.07
C LEU B 86 1.14 1.33 -12.13
N VAL B 87 2.46 1.21 -12.10
CA VAL B 87 3.13 0.26 -11.21
C VAL B 87 3.63 1.00 -9.98
N SER B 88 3.52 0.35 -8.82
CA SER B 88 3.98 0.95 -7.57
C SER B 88 4.54 -0.14 -6.67
N ALA B 89 5.62 0.18 -5.97
CA ALA B 89 6.29 -0.76 -5.07
C ALA B 89 6.14 -0.29 -3.62
N SER B 90 6.02 -1.25 -2.72
CA SER B 90 5.89 -0.92 -1.30
C SER B 90 6.71 -1.89 -0.45
N GLN B 91 6.88 -1.52 0.82
CA GLN B 91 7.65 -2.32 1.77
C GLN B 91 6.96 -3.62 2.17
N ASP B 92 5.67 -3.78 1.86
CA ASP B 92 4.97 -5.02 2.16
C ASP B 92 5.33 -6.13 1.18
N GLY B 93 6.40 -5.96 0.40
CA GLY B 93 6.78 -6.91 -0.61
C GLY B 93 5.78 -7.01 -1.74
N LYS B 94 5.19 -5.88 -2.13
CA LYS B 94 4.16 -5.86 -3.14
C LYS B 94 4.50 -4.86 -4.23
N LEU B 95 4.40 -5.31 -5.48
CA LEU B 95 4.48 -4.47 -6.68
C LEU B 95 3.11 -4.56 -7.34
N ILE B 96 2.32 -3.51 -7.20
CA ILE B 96 0.93 -3.51 -7.64
C ILE B 96 0.82 -2.69 -8.92
N ILE B 97 0.17 -3.27 -9.93
CA ILE B 97 -0.14 -2.58 -11.18
C ILE B 97 -1.62 -2.24 -11.16
N TRP B 98 -1.92 -0.95 -11.18
CA TRP B 98 -3.26 -0.41 -11.10
C TRP B 98 -3.73 0.08 -12.46
N ASP B 99 -5.03 -0.07 -12.69
CA ASP B 99 -5.73 0.67 -13.73
C ASP B 99 -6.17 1.99 -13.12
N SER B 100 -5.50 3.09 -13.49
CA SER B 100 -5.74 4.37 -12.84
C SER B 100 -7.13 4.91 -13.11
N TYR B 101 -7.71 4.58 -14.27
CA TYR B 101 -9.02 5.12 -14.62
C TYR B 101 -10.11 4.61 -13.67
N THR B 102 -10.09 3.32 -13.35
CA THR B 102 -11.13 2.69 -12.55
C THR B 102 -10.64 2.26 -11.19
N THR B 103 -9.39 2.57 -10.84
CA THR B 103 -8.76 2.15 -9.58
C THR B 103 -8.74 0.63 -9.42
N ASN B 104 -8.88 -0.10 -10.52
CA ASN B 104 -8.81 -1.54 -10.48
C ASN B 104 -7.36 -2.00 -10.38
N LYS B 105 -7.12 -3.00 -9.54
CA LYS B 105 -5.80 -3.60 -9.45
C LYS B 105 -5.66 -4.63 -10.56
N VAL B 106 -4.89 -4.27 -11.60
CA VAL B 106 -4.68 -5.20 -12.70
C VAL B 106 -3.81 -6.36 -12.27
N HIS B 107 -2.75 -6.08 -11.51
CA HIS B 107 -1.82 -7.11 -11.10
C HIS B 107 -1.29 -6.82 -9.70
N ALA B 108 -0.89 -7.89 -9.00
CA ALA B 108 -0.18 -7.78 -7.73
C ALA B 108 0.93 -8.82 -7.72
N ILE B 109 2.17 -8.35 -7.64
CA ILE B 109 3.37 -9.20 -7.76
C ILE B 109 4.03 -9.26 -6.39
N PRO B 110 4.17 -10.46 -5.80
CA PRO B 110 4.94 -10.57 -4.54
C PRO B 110 6.43 -10.62 -4.83
N LEU B 111 7.18 -9.73 -4.19
CA LEU B 111 8.60 -9.63 -4.40
C LEU B 111 9.34 -10.55 -3.42
N ARG B 112 10.46 -11.11 -3.89
CA ARG B 112 11.30 -11.93 -3.02
C ARG B 112 11.87 -11.11 -1.88
N SER B 113 12.32 -9.89 -2.17
CA SER B 113 12.84 -8.99 -1.16
C SER B 113 11.88 -7.81 -1.03
N SER B 114 11.41 -7.57 0.20
CA SER B 114 10.46 -6.50 0.44
C SER B 114 11.11 -5.12 0.50
N TRP B 115 12.45 -5.06 0.52
CA TRP B 115 13.17 -3.80 0.62
C TRP B 115 13.46 -3.29 -0.78
N VAL B 116 12.43 -2.68 -1.38
CA VAL B 116 12.50 -2.17 -2.75
C VAL B 116 12.46 -0.65 -2.70
N MET B 117 13.42 -0.02 -3.39
CA MET B 117 13.51 1.43 -3.44
C MET B 117 13.22 1.99 -4.82
N THR B 118 13.03 1.14 -5.83
CA THR B 118 12.78 1.62 -7.18
C THR B 118 11.88 0.63 -7.91
N CYS B 119 11.18 1.14 -8.92
CA CYS B 119 10.37 0.32 -9.80
C CYS B 119 10.25 1.03 -11.14
N ALA B 120 10.19 0.25 -12.22
CA ALA B 120 10.14 0.80 -13.56
C ALA B 120 9.10 0.04 -14.39
N TYR B 121 8.54 0.75 -15.38
CA TYR B 121 7.58 0.20 -16.32
C TYR B 121 8.20 0.24 -17.71
N ALA B 122 8.21 -0.89 -18.39
CA ALA B 122 8.78 -0.96 -19.72
C ALA B 122 7.97 -0.08 -20.68
N PRO B 123 8.62 0.64 -21.59
CA PRO B 123 7.86 1.44 -22.56
C PRO B 123 6.94 0.62 -23.44
N SER B 124 7.28 -0.65 -23.69
CA SER B 124 6.38 -1.53 -24.43
C SER B 124 5.20 -1.97 -23.57
N GLY B 125 5.40 -2.04 -22.26
CA GLY B 125 4.36 -2.48 -21.35
C GLY B 125 4.38 -3.96 -21.02
N ASN B 126 5.27 -4.74 -21.62
CA ASN B 126 5.32 -6.17 -21.37
C ASN B 126 6.10 -6.54 -20.12
N TYR B 127 6.86 -5.60 -19.55
CA TYR B 127 7.74 -5.91 -18.43
C TYR B 127 7.66 -4.82 -17.37
N VAL B 128 7.98 -5.20 -16.14
CA VAL B 128 8.24 -4.26 -15.06
C VAL B 128 9.57 -4.64 -14.43
N ALA B 129 10.17 -3.68 -13.73
CA ALA B 129 11.42 -3.91 -13.03
C ALA B 129 11.33 -3.36 -11.62
N CYS B 130 12.10 -3.97 -10.73
CA CYS B 130 12.16 -3.52 -9.34
C CYS B 130 13.53 -3.84 -8.76
N GLY B 131 13.86 -3.17 -7.67
CA GLY B 131 15.14 -3.42 -7.02
C GLY B 131 15.23 -2.63 -5.73
N GLY B 132 16.26 -2.94 -4.95
CA GLY B 132 16.44 -2.28 -3.68
C GLY B 132 17.63 -2.76 -2.88
N LEU B 133 17.42 -3.01 -1.59
CA LEU B 133 18.52 -3.37 -0.69
C LEU B 133 19.10 -4.75 -0.99
N ASP B 134 18.44 -5.54 -1.83
CA ASP B 134 19.01 -6.82 -2.26
C ASP B 134 20.10 -6.65 -3.31
N ASN B 135 20.28 -5.44 -3.85
CA ASN B 135 21.31 -5.15 -4.85
C ASN B 135 21.08 -5.94 -6.14
N ILE B 136 19.83 -6.30 -6.42
CA ILE B 136 19.46 -7.00 -7.64
C ILE B 136 18.40 -6.16 -8.36
N CYS B 137 18.31 -6.34 -9.68
CA CYS B 137 17.25 -5.75 -10.48
C CYS B 137 16.43 -6.89 -11.06
N SER B 138 15.20 -7.05 -10.59
CA SER B 138 14.32 -8.10 -11.05
C SER B 138 13.42 -7.58 -12.15
N ILE B 139 13.40 -8.29 -13.28
CA ILE B 139 12.54 -7.99 -14.42
C ILE B 139 11.46 -9.04 -14.46
N TYR B 140 10.20 -8.61 -14.38
CA TYR B 140 9.03 -9.47 -14.39
C TYR B 140 8.28 -9.29 -15.71
N ASN B 141 7.88 -10.41 -16.30
CA ASN B 141 7.14 -10.43 -17.56
C ASN B 141 5.65 -10.35 -17.27
N LEU B 142 4.99 -9.34 -17.83
CA LEU B 142 3.58 -9.09 -17.56
C LEU B 142 2.64 -9.85 -18.49
N LYS B 143 3.14 -10.40 -19.59
CA LYS B 143 2.29 -11.00 -20.63
C LYS B 143 2.84 -12.38 -20.97
N THR B 144 2.33 -13.41 -20.30
CA THR B 144 2.75 -14.78 -20.51
C THR B 144 1.57 -15.63 -20.98
N ARG B 145 1.88 -16.83 -21.48
CA ARG B 145 0.83 -17.76 -21.87
C ARG B 145 0.00 -18.18 -20.66
N GLU B 146 0.66 -18.42 -19.53
CA GLU B 146 -0.07 -18.58 -18.27
C GLU B 146 -0.59 -17.23 -17.80
N GLY B 147 -1.50 -17.26 -16.84
CA GLY B 147 -2.14 -16.05 -16.38
C GLY B 147 -1.44 -15.32 -15.26
N ASN B 148 -0.23 -15.72 -14.90
CA ASN B 148 0.49 -15.14 -13.78
C ASN B 148 1.70 -14.34 -14.27
N VAL B 149 2.02 -13.27 -13.56
CA VAL B 149 3.21 -12.48 -13.85
C VAL B 149 4.42 -13.24 -13.30
N ARG B 150 5.37 -13.53 -14.17
CA ARG B 150 6.55 -14.32 -13.82
C ARG B 150 7.79 -13.43 -13.85
N VAL B 151 8.74 -13.74 -12.95
CA VAL B 151 10.01 -13.04 -12.97
C VAL B 151 10.83 -13.55 -14.15
N SER B 152 11.25 -12.62 -15.01
CA SER B 152 11.95 -12.98 -16.23
C SER B 152 13.46 -13.00 -16.05
N ARG B 153 14.01 -12.07 -15.27
CA ARG B 153 15.45 -11.96 -15.16
C ARG B 153 15.82 -11.36 -13.81
N GLU B 154 17.01 -11.71 -13.32
CA GLU B 154 17.56 -11.15 -12.08
C GLU B 154 18.96 -10.63 -12.38
N LEU B 155 19.05 -9.35 -12.74
CA LEU B 155 20.34 -8.72 -13.02
C LEU B 155 21.09 -8.48 -11.73
N ALA B 156 22.24 -9.12 -11.58
CA ALA B 156 23.08 -8.99 -10.40
C ALA B 156 24.48 -8.58 -10.83
N GLY B 157 25.20 -7.92 -9.92
CA GLY B 157 26.52 -7.42 -10.21
C GLY B 157 26.81 -6.10 -9.53
N HIS B 158 25.80 -5.48 -8.96
CA HIS B 158 25.99 -4.28 -8.17
C HIS B 158 26.36 -4.66 -6.73
N THR B 159 27.33 -3.94 -6.17
CA THR B 159 27.78 -4.18 -4.81
C THR B 159 27.10 -3.27 -3.79
N GLY B 160 26.18 -2.40 -4.24
CA GLY B 160 25.41 -1.58 -3.34
C GLY B 160 23.93 -1.66 -3.68
N TYR B 161 23.12 -1.08 -2.80
CA TYR B 161 21.68 -1.13 -2.99
C TYR B 161 21.28 -0.42 -4.28
N LEU B 162 20.27 -0.95 -4.95
CA LEU B 162 19.77 -0.36 -6.18
C LEU B 162 18.81 0.79 -5.86
N SER B 163 19.10 1.97 -6.39
CA SER B 163 18.29 3.15 -6.10
C SER B 163 17.40 3.58 -7.25
N CYS B 164 17.74 3.21 -8.49
CA CYS B 164 16.91 3.55 -9.64
C CYS B 164 17.18 2.56 -10.75
N CYS B 165 16.23 2.46 -11.67
CA CYS B 165 16.34 1.60 -12.84
C CYS B 165 15.34 2.08 -13.89
N ARG B 166 15.76 2.08 -15.15
CA ARG B 166 14.92 2.56 -16.23
C ARG B 166 15.14 1.71 -17.47
N PHE B 167 14.04 1.32 -18.12
CA PHE B 167 14.11 0.53 -19.34
C PHE B 167 14.50 1.40 -20.52
N LEU B 168 15.47 0.94 -21.29
CA LEU B 168 15.73 1.55 -22.59
C LEU B 168 14.81 0.96 -23.65
N ASP B 169 14.74 -0.37 -23.70
CA ASP B 169 13.78 -1.10 -24.51
C ASP B 169 13.46 -2.40 -23.78
N ASP B 170 12.88 -3.37 -24.48
CA ASP B 170 12.54 -4.64 -23.85
C ASP B 170 13.77 -5.46 -23.47
N ASN B 171 14.97 -5.07 -23.94
CA ASN B 171 16.17 -5.84 -23.68
C ASN B 171 17.30 -5.03 -23.04
N GLN B 172 17.10 -3.75 -22.79
CA GLN B 172 18.14 -2.90 -22.21
C GLN B 172 17.58 -2.10 -21.06
N ILE B 173 18.35 -2.01 -19.98
CA ILE B 173 17.95 -1.30 -18.77
C ILE B 173 19.19 -0.74 -18.10
N VAL B 174 19.08 0.50 -17.62
CA VAL B 174 20.19 1.16 -16.92
C VAL B 174 19.81 1.29 -15.45
N THR B 175 20.71 0.85 -14.57
CA THR B 175 20.46 0.81 -13.14
C THR B 175 21.54 1.55 -12.38
N SER B 176 21.12 2.36 -11.41
CA SER B 176 22.02 3.08 -10.53
C SER B 176 22.01 2.44 -9.15
N SER B 177 23.19 2.35 -8.53
CA SER B 177 23.35 1.65 -7.28
C SER B 177 24.03 2.54 -6.25
N GLY B 178 24.04 2.07 -5.01
CA GLY B 178 24.76 2.73 -3.94
C GLY B 178 26.23 2.41 -3.90
N ASP B 179 26.74 1.61 -4.84
CA ASP B 179 28.15 1.30 -4.96
C ASP B 179 28.90 2.33 -5.79
N THR B 180 28.31 3.52 -5.99
CA THR B 180 28.89 4.68 -6.64
C THR B 180 29.01 4.54 -8.15
N THR B 181 28.41 3.52 -8.76
CA THR B 181 28.49 3.31 -10.20
C THR B 181 27.12 2.99 -10.77
N CYS B 182 26.93 3.34 -12.03
CA CYS B 182 25.76 2.95 -12.80
C CYS B 182 26.13 1.83 -13.76
N ALA B 183 25.12 1.16 -14.30
CA ALA B 183 25.38 0.05 -15.21
C ALA B 183 24.31 0.00 -16.29
N LEU B 184 24.69 -0.49 -17.46
CA LEU B 184 23.75 -0.78 -18.54
C LEU B 184 23.77 -2.28 -18.78
N TRP B 185 22.59 -2.89 -18.83
CA TRP B 185 22.47 -4.33 -18.83
C TRP B 185 21.90 -4.84 -20.15
N ASP B 186 22.23 -6.08 -20.46
CA ASP B 186 21.61 -6.83 -21.55
C ASP B 186 20.69 -7.87 -20.88
N ILE B 187 19.38 -7.66 -21.01
CA ILE B 187 18.43 -8.45 -20.23
C ILE B 187 18.42 -9.90 -20.72
N GLU B 188 18.57 -10.13 -22.02
CA GLU B 188 18.55 -11.48 -22.54
C GLU B 188 19.73 -12.32 -22.04
N THR B 189 20.83 -11.68 -21.66
CA THR B 189 21.99 -12.39 -21.14
C THR B 189 22.28 -12.08 -19.68
N GLY B 190 21.68 -11.04 -19.12
CA GLY B 190 21.91 -10.69 -17.73
C GLY B 190 23.32 -10.25 -17.43
N GLN B 191 23.94 -9.51 -18.35
CA GLN B 191 25.31 -9.06 -18.19
C GLN B 191 25.38 -7.56 -18.44
N GLN B 192 26.30 -6.89 -17.73
CA GLN B 192 26.51 -5.46 -17.90
C GLN B 192 27.28 -5.22 -19.19
N THR B 193 26.63 -4.60 -20.17
CA THR B 193 27.34 -4.24 -21.39
C THR B 193 28.36 -3.15 -21.13
N THR B 194 28.01 -2.17 -20.29
CA THR B 194 28.95 -1.12 -19.92
C THR B 194 28.65 -0.68 -18.49
N THR B 195 29.68 -0.15 -17.84
CA THR B 195 29.59 0.36 -16.48
C THR B 195 30.06 1.81 -16.46
N PHE B 196 29.29 2.65 -15.77
CA PHE B 196 29.56 4.09 -15.69
C PHE B 196 30.06 4.37 -14.28
N THR B 197 31.39 4.44 -14.15
CA THR B 197 32.07 4.65 -12.88
C THR B 197 32.60 6.08 -12.80
N GLY B 198 33.21 6.39 -11.67
CA GLY B 198 33.77 7.71 -11.46
C GLY B 198 32.76 8.69 -10.91
N HIS B 199 32.08 8.30 -9.84
CA HIS B 199 31.01 9.11 -9.26
C HIS B 199 31.04 8.84 -7.75
N THR B 200 31.77 9.69 -7.02
CA THR B 200 32.03 9.42 -5.62
C THR B 200 30.75 9.50 -4.79
N GLY B 201 30.52 8.51 -3.95
CA GLY B 201 29.30 8.42 -3.17
C GLY B 201 28.17 7.80 -3.96
N ASP B 202 27.12 7.42 -3.22
CA ASP B 202 26.00 6.71 -3.81
C ASP B 202 25.25 7.61 -4.79
N VAL B 203 24.94 7.07 -5.96
CA VAL B 203 24.08 7.76 -6.93
C VAL B 203 22.64 7.33 -6.65
N MET B 204 21.77 8.31 -6.43
CA MET B 204 20.45 8.03 -5.89
C MET B 204 19.34 8.12 -6.93
N SER B 205 19.63 8.59 -8.14
CA SER B 205 18.60 8.72 -9.15
C SER B 205 19.25 8.71 -10.53
N LEU B 206 18.42 8.49 -11.55
CA LEU B 206 18.84 8.59 -12.93
C LEU B 206 17.63 8.96 -13.77
N SER B 207 17.90 9.52 -14.95
CA SER B 207 16.83 9.94 -15.85
C SER B 207 17.30 9.74 -17.29
N LEU B 208 16.60 8.88 -18.02
CA LEU B 208 16.93 8.65 -19.41
C LEU B 208 16.51 9.84 -20.26
N ALA B 209 17.31 10.16 -21.27
CA ALA B 209 16.95 11.21 -22.20
C ALA B 209 15.73 10.79 -23.02
N PRO B 210 14.92 11.74 -23.46
CA PRO B 210 13.76 11.38 -24.30
C PRO B 210 14.14 10.61 -25.55
N ASP B 211 15.30 10.90 -26.14
CA ASP B 211 15.80 10.14 -27.27
C ASP B 211 16.61 8.92 -26.85
N THR B 212 16.76 8.69 -25.53
CA THR B 212 17.44 7.51 -24.98
C THR B 212 18.86 7.37 -25.52
N ARG B 213 19.53 8.51 -25.73
CA ARG B 213 20.93 8.52 -26.14
C ARG B 213 21.89 8.85 -25.01
N LEU B 214 21.44 9.60 -24.01
CA LEU B 214 22.23 9.96 -22.84
C LEU B 214 21.38 9.72 -21.60
N PHE B 215 22.02 9.86 -20.44
CA PHE B 215 21.25 9.88 -19.20
C PHE B 215 22.04 10.59 -18.10
N VAL B 216 21.32 11.30 -17.24
CA VAL B 216 21.93 12.03 -16.13
C VAL B 216 21.69 11.25 -14.84
N SER B 217 22.62 11.41 -13.90
CA SER B 217 22.50 10.74 -12.61
C SER B 217 23.07 11.64 -11.53
N GLY B 218 22.31 11.85 -10.47
CA GLY B 218 22.75 12.64 -9.32
C GLY B 218 23.14 11.74 -8.17
N ALA B 219 24.22 12.10 -7.49
CA ALA B 219 24.77 11.24 -6.46
C ALA B 219 24.85 11.96 -5.13
N CYS B 220 25.44 11.27 -4.14
CA CYS B 220 25.64 11.78 -2.80
C CYS B 220 26.83 12.72 -2.70
N ASP B 221 27.64 12.85 -3.76
CA ASP B 221 28.66 13.90 -3.78
C ASP B 221 28.09 15.26 -4.07
N ALA B 222 26.77 15.39 -4.07
CA ALA B 222 26.08 16.63 -4.40
C ALA B 222 26.37 17.08 -5.83
N SER B 223 26.59 16.13 -6.72
CA SER B 223 26.86 16.44 -8.12
C SER B 223 26.06 15.52 -9.02
N ALA B 224 25.78 16.02 -10.23
CA ALA B 224 25.11 15.26 -11.27
C ALA B 224 26.07 15.05 -12.42
N LYS B 225 25.93 13.93 -13.11
CA LYS B 225 26.81 13.57 -14.21
C LYS B 225 25.97 13.13 -15.41
N LEU B 226 26.35 13.61 -16.58
CA LEU B 226 25.70 13.24 -17.83
C LEU B 226 26.56 12.20 -18.55
N TRP B 227 25.96 11.06 -18.88
CA TRP B 227 26.67 9.94 -19.48
C TRP B 227 26.11 9.65 -20.86
N ASP B 228 27.01 9.26 -21.76
CA ASP B 228 26.63 8.77 -23.09
C ASP B 228 26.47 7.26 -23.00
N VAL B 229 25.29 6.76 -23.36
CA VAL B 229 25.01 5.34 -23.20
C VAL B 229 25.84 4.51 -24.17
N ARG B 230 25.98 4.98 -25.42
CA ARG B 230 26.73 4.21 -26.41
C ARG B 230 28.22 4.23 -26.14
N GLU B 231 28.78 5.40 -25.82
CA GLU B 231 30.22 5.49 -25.57
C GLU B 231 30.60 4.88 -24.23
N GLY B 232 29.75 5.06 -23.21
CA GLY B 232 30.04 4.53 -21.89
C GLY B 232 30.92 5.40 -21.04
N MET B 233 30.99 6.70 -21.31
CA MET B 233 31.84 7.62 -20.56
C MET B 233 31.06 8.86 -20.18
N CYS B 234 31.48 9.48 -19.08
CA CYS B 234 30.84 10.70 -18.62
C CYS B 234 31.15 11.85 -19.57
N ARG B 235 30.14 12.68 -19.84
CA ARG B 235 30.30 13.83 -20.73
C ARG B 235 30.49 15.13 -19.94
N GLN B 236 29.56 15.44 -19.04
CA GLN B 236 29.62 16.67 -18.27
C GLN B 236 29.34 16.37 -16.80
N THR B 237 29.85 17.24 -15.93
CA THR B 237 29.62 17.17 -14.50
C THR B 237 29.09 18.51 -14.03
N PHE B 238 28.01 18.48 -13.25
CA PHE B 238 27.33 19.67 -12.75
C PHE B 238 27.33 19.65 -11.24
N THR B 239 27.65 20.81 -10.65
CA THR B 239 27.69 20.97 -9.21
C THR B 239 26.88 22.20 -8.82
N GLY B 240 26.73 22.41 -7.51
CA GLY B 240 25.99 23.55 -7.01
C GLY B 240 25.19 23.23 -5.76
N HIS B 241 24.91 21.96 -5.53
CA HIS B 241 24.24 21.51 -4.32
C HIS B 241 25.27 21.31 -3.21
N GLU B 242 24.86 21.58 -1.98
CA GLU B 242 25.70 21.30 -0.81
C GLU B 242 25.20 20.11 -0.01
N SER B 243 24.44 19.21 -0.63
CA SER B 243 24.04 17.98 0.01
C SER B 243 23.67 16.97 -1.07
N ASP B 244 23.51 15.72 -0.65
CA ASP B 244 23.28 14.63 -1.58
C ASP B 244 22.00 14.84 -2.39
N ILE B 245 22.07 14.50 -3.68
CA ILE B 245 20.94 14.63 -4.59
C ILE B 245 20.12 13.34 -4.53
N ASN B 246 18.81 13.50 -4.28
CA ASN B 246 17.91 12.36 -4.16
C ASN B 246 17.05 12.14 -5.39
N ALA B 247 16.85 13.17 -6.21
CA ALA B 247 15.98 13.08 -7.37
C ALA B 247 16.58 13.83 -8.55
N ILE B 248 16.37 13.29 -9.75
CA ILE B 248 16.81 13.92 -10.98
C ILE B 248 15.82 13.54 -12.07
N CYS B 249 15.57 14.48 -12.98
CA CYS B 249 14.64 14.24 -14.07
C CYS B 249 15.06 15.08 -15.28
N PHE B 250 14.68 14.62 -16.46
CA PHE B 250 15.04 15.28 -17.70
C PHE B 250 13.94 16.20 -18.18
N PHE B 251 14.34 17.36 -18.68
CA PHE B 251 13.40 18.26 -19.33
C PHE B 251 12.83 17.59 -20.58
N PRO B 252 11.58 17.89 -20.94
CA PRO B 252 10.99 17.27 -22.15
C PRO B 252 11.81 17.51 -23.40
N ASN B 253 12.46 18.68 -23.51
CA ASN B 253 13.33 18.94 -24.66
C ASN B 253 14.49 17.95 -24.70
N GLY B 254 15.09 17.67 -23.54
CA GLY B 254 16.26 16.83 -23.46
C GLY B 254 17.57 17.58 -23.35
N ASN B 255 17.54 18.90 -23.37
CA ASN B 255 18.73 19.73 -23.25
C ASN B 255 18.91 20.33 -21.86
N ALA B 256 18.13 19.86 -20.89
CA ALA B 256 18.20 20.37 -19.53
C ALA B 256 17.70 19.29 -18.58
N PHE B 257 17.96 19.50 -17.29
CA PHE B 257 17.46 18.58 -16.27
C PHE B 257 17.35 19.32 -14.95
N ALA B 258 16.63 18.70 -14.01
CA ALA B 258 16.38 19.27 -12.70
C ALA B 258 16.76 18.27 -11.63
N THR B 259 17.36 18.78 -10.55
CA THR B 259 17.83 17.97 -9.43
C THR B 259 17.19 18.46 -8.13
N GLY B 260 16.82 17.53 -7.28
CA GLY B 260 16.37 17.83 -5.93
C GLY B 260 17.26 17.11 -4.93
N SER B 261 17.54 17.76 -3.81
CA SER B 261 18.54 17.24 -2.88
C SER B 261 18.01 17.33 -1.45
N ASP B 262 18.74 16.68 -0.53
CA ASP B 262 18.53 16.84 0.89
C ASP B 262 18.85 18.25 1.37
N ASP B 263 19.54 19.03 0.52
CA ASP B 263 19.80 20.44 0.75
C ASP B 263 18.50 21.25 0.87
N ALA B 264 17.36 20.64 0.57
CA ALA B 264 16.05 21.30 0.59
C ALA B 264 15.94 22.36 -0.50
N THR B 265 16.43 22.04 -1.69
CA THR B 265 16.36 22.95 -2.82
C THR B 265 16.35 22.14 -4.11
N CYS B 266 15.88 22.78 -5.17
CA CYS B 266 15.93 22.22 -6.51
C CYS B 266 16.78 23.11 -7.40
N ARG B 267 17.45 22.51 -8.38
CA ARG B 267 18.29 23.26 -9.31
C ARG B 267 18.03 22.79 -10.73
N LEU B 268 18.14 23.72 -11.67
CA LEU B 268 17.97 23.42 -13.10
C LEU B 268 19.30 23.62 -13.79
N PHE B 269 19.79 22.57 -14.44
CA PHE B 269 21.02 22.61 -15.20
C PHE B 269 20.71 22.47 -16.69
N ASP B 270 21.52 23.13 -17.51
CA ASP B 270 21.39 23.08 -18.97
C ASP B 270 22.59 22.35 -19.55
N LEU B 271 22.32 21.37 -20.40
CA LEU B 271 23.40 20.53 -20.94
C LEU B 271 24.35 21.33 -21.81
N ARG B 272 23.81 22.19 -22.68
CA ARG B 272 24.66 22.94 -23.60
C ARG B 272 25.41 24.06 -22.89
N ALA B 273 24.74 24.77 -21.99
CA ALA B 273 25.41 25.81 -21.21
C ALA B 273 26.36 25.21 -20.18
N ASP B 274 26.12 23.97 -19.78
CA ASP B 274 27.00 23.23 -18.86
C ASP B 274 27.15 23.96 -17.52
N GLN B 275 26.06 24.53 -17.02
CA GLN B 275 26.06 25.17 -15.72
C GLN B 275 24.63 25.34 -15.23
N GLU B 276 24.52 25.67 -13.95
CA GLU B 276 23.21 25.86 -13.33
C GLU B 276 22.46 27.02 -13.98
N LEU B 277 21.17 26.81 -14.24
CA LEU B 277 20.34 27.88 -14.79
C LEU B 277 19.65 28.68 -13.70
N MET B 278 18.97 28.01 -12.78
CA MET B 278 18.34 28.69 -11.66
C MET B 278 18.03 27.70 -10.55
N THR B 279 17.54 28.23 -9.43
CA THR B 279 17.31 27.48 -8.20
C THR B 279 15.89 27.73 -7.72
N TYR B 280 15.20 26.64 -7.38
CA TYR B 280 13.85 26.68 -6.81
C TYR B 280 13.95 26.33 -5.33
N SER B 281 13.75 27.33 -4.47
CA SER B 281 13.85 27.13 -3.04
C SER B 281 12.98 28.18 -2.34
N HIS B 282 12.74 27.95 -1.06
CA HIS B 282 12.01 28.90 -0.22
C HIS B 282 12.47 28.72 1.21
N ASP B 283 12.58 29.84 1.93
CA ASP B 283 13.09 29.81 3.30
C ASP B 283 12.16 29.05 4.25
N ASN B 284 10.88 28.93 3.92
CA ASN B 284 9.95 28.17 4.74
C ASN B 284 10.10 26.66 4.57
N ILE B 285 10.90 26.22 3.61
CA ILE B 285 11.12 24.80 3.34
C ILE B 285 12.49 24.43 3.87
N ILE B 286 12.53 23.48 4.81
CA ILE B 286 13.78 23.04 5.41
C ILE B 286 13.90 21.52 5.29
N CYS B 287 13.06 20.94 4.44
CA CYS B 287 13.05 19.50 4.21
C CYS B 287 13.54 19.20 2.80
N GLY B 288 14.25 18.09 2.64
CA GLY B 288 14.81 17.73 1.37
C GLY B 288 13.76 17.31 0.36
N ILE B 289 14.21 17.08 -0.86
CA ILE B 289 13.35 16.69 -1.97
C ILE B 289 13.54 15.19 -2.21
N THR B 290 12.44 14.45 -2.15
CA THR B 290 12.48 13.02 -2.40
C THR B 290 12.30 12.68 -3.88
N SER B 291 11.45 13.42 -4.58
CA SER B 291 11.17 13.15 -5.98
C SER B 291 10.98 14.46 -6.73
N VAL B 292 11.24 14.41 -8.04
CA VAL B 292 11.08 15.56 -8.91
C VAL B 292 10.60 15.07 -10.26
N SER B 293 9.75 15.87 -10.91
CA SER B 293 9.25 15.51 -12.23
C SER B 293 8.75 16.77 -12.93
N PHE B 294 8.69 16.69 -14.26
CA PHE B 294 8.26 17.80 -15.08
C PHE B 294 6.89 17.52 -15.68
N SER B 295 6.23 18.59 -16.11
CA SER B 295 4.98 18.49 -16.84
C SER B 295 5.25 18.54 -18.34
N LYS B 296 4.21 18.27 -19.13
CA LYS B 296 4.33 18.46 -20.57
C LYS B 296 4.65 19.92 -20.87
N SER B 297 5.54 20.11 -21.85
CA SER B 297 6.15 21.39 -22.21
C SER B 297 7.17 21.84 -21.18
N GLY B 298 7.33 21.13 -20.08
CA GLY B 298 8.30 21.50 -19.06
C GLY B 298 8.04 22.86 -18.45
N ARG B 299 6.77 23.20 -18.22
CA ARG B 299 6.43 24.48 -17.62
C ARG B 299 6.29 24.40 -16.11
N LEU B 300 5.93 23.24 -15.58
CA LEU B 300 5.75 23.05 -14.15
C LEU B 300 6.72 21.97 -13.66
N LEU B 301 7.46 22.30 -12.62
CA LEU B 301 8.33 21.35 -11.94
C LEU B 301 7.58 20.82 -10.71
N LEU B 302 7.36 19.51 -10.68
CA LEU B 302 6.60 18.87 -9.62
C LEU B 302 7.60 18.20 -8.67
N ALA B 303 7.77 18.75 -7.48
CA ALA B 303 8.71 18.23 -6.51
C ALA B 303 7.97 17.65 -5.31
N GLY B 304 8.49 16.57 -4.76
CA GLY B 304 7.95 15.96 -3.56
C GLY B 304 8.89 16.20 -2.40
N TYR B 305 8.33 16.54 -1.24
CA TYR B 305 9.12 16.97 -0.10
C TYR B 305 8.87 16.05 1.09
N ASP B 306 9.71 16.20 2.11
CA ASP B 306 9.59 15.44 3.35
C ASP B 306 8.55 16.02 4.30
N ASP B 307 8.08 17.24 4.06
CA ASP B 307 7.08 17.87 4.91
C ASP B 307 5.65 17.47 4.55
N PHE B 308 5.49 16.33 3.89
CA PHE B 308 4.23 15.67 3.59
C PHE B 308 3.49 16.31 2.42
N ASN B 309 4.11 17.26 1.72
CA ASN B 309 3.45 17.97 0.63
C ASN B 309 4.30 17.95 -0.62
N CYS B 310 3.66 18.13 -1.77
CA CYS B 310 4.33 18.30 -3.04
C CYS B 310 4.13 19.73 -3.51
N ASN B 311 5.16 20.30 -4.12
CA ASN B 311 5.15 21.68 -4.59
C ASN B 311 5.23 21.70 -6.11
N VAL B 312 4.39 22.53 -6.72
CA VAL B 312 4.42 22.79 -8.14
C VAL B 312 5.08 24.15 -8.32
N TRP B 313 6.29 24.15 -8.83
CA TRP B 313 7.03 25.36 -9.16
C TRP B 313 6.84 25.69 -10.62
N ASP B 314 6.87 26.98 -10.95
CA ASP B 314 6.95 27.40 -12.33
C ASP B 314 8.40 27.30 -12.78
N ALA B 315 8.69 26.39 -13.71
CA ALA B 315 10.07 26.10 -14.05
C ALA B 315 10.78 27.30 -14.66
N LEU B 316 10.10 28.03 -15.55
CA LEU B 316 10.72 29.20 -16.19
C LEU B 316 11.03 30.28 -15.16
N LYS B 317 10.11 30.51 -14.23
CA LYS B 317 10.34 31.40 -13.10
C LYS B 317 10.90 30.58 -11.94
N ALA B 318 10.89 31.14 -10.74
CA ALA B 318 11.35 30.42 -9.56
C ALA B 318 10.31 30.33 -8.45
N ASP B 319 9.11 30.86 -8.66
CA ASP B 319 8.11 30.93 -7.61
C ASP B 319 7.36 29.62 -7.50
N ARG B 320 6.34 29.61 -6.64
CA ARG B 320 5.50 28.44 -6.41
C ARG B 320 4.20 28.61 -7.17
N ALA B 321 3.95 27.73 -8.14
CA ALA B 321 2.66 27.74 -8.82
C ALA B 321 1.57 27.15 -7.93
N GLY B 322 1.94 26.30 -6.98
CA GLY B 322 0.97 25.79 -6.04
C GLY B 322 1.53 24.65 -5.22
N VAL B 323 0.65 24.06 -4.42
CA VAL B 323 0.91 22.82 -3.71
C VAL B 323 -0.31 21.93 -3.89
N LEU B 324 -0.17 20.66 -3.52
CA LEU B 324 -1.32 19.78 -3.56
C LEU B 324 -1.55 19.12 -2.20
N ALA B 325 -0.47 18.88 -1.46
CA ALA B 325 -0.53 18.34 -0.10
C ALA B 325 -1.28 17.01 -0.16
N GLY B 326 -2.25 16.75 0.71
CA GLY B 326 -3.10 15.59 0.59
C GLY B 326 -2.51 14.29 1.10
N HIS B 327 -1.30 14.32 1.65
CA HIS B 327 -0.65 13.10 2.14
C HIS B 327 -0.31 13.27 3.61
N ASP B 328 -0.44 12.18 4.36
CA ASP B 328 -0.22 12.19 5.80
C ASP B 328 1.21 11.79 6.18
N ASN B 329 2.08 11.57 5.20
CA ASN B 329 3.47 11.25 5.47
C ASN B 329 4.32 11.74 4.31
N ARG B 330 5.62 11.44 4.37
CA ARG B 330 6.55 11.94 3.38
C ARG B 330 6.21 11.42 1.99
N VAL B 331 6.20 12.33 1.01
CA VAL B 331 5.93 11.96 -0.38
C VAL B 331 7.22 11.43 -0.98
N SER B 332 7.25 10.14 -1.30
CA SER B 332 8.46 9.52 -1.80
C SER B 332 8.60 9.58 -3.31
N CYS B 333 7.50 9.39 -4.04
CA CYS B 333 7.57 9.26 -5.48
C CYS B 333 6.44 10.04 -6.12
N LEU B 334 6.68 10.52 -7.34
CA LEU B 334 5.64 11.16 -8.12
C LEU B 334 6.00 11.04 -9.59
N GLY B 335 4.98 11.01 -10.43
CA GLY B 335 5.17 10.86 -11.87
C GLY B 335 4.06 11.54 -12.64
N VAL B 336 4.39 11.93 -13.86
CA VAL B 336 3.46 12.62 -14.74
C VAL B 336 3.26 11.77 -15.99
N THR B 337 2.01 11.69 -16.45
CA THR B 337 1.68 10.85 -17.59
C THR B 337 2.35 11.37 -18.86
N ASP B 338 2.46 10.46 -19.85
CA ASP B 338 3.09 10.83 -21.11
C ASP B 338 2.27 11.87 -21.87
N ASP B 339 0.95 11.90 -21.67
CA ASP B 339 0.10 12.92 -22.27
C ASP B 339 -0.22 14.05 -21.30
N GLY B 340 0.38 14.05 -20.11
CA GLY B 340 0.20 15.15 -19.18
C GLY B 340 -1.18 15.27 -18.58
N MET B 341 -1.96 14.19 -18.58
CA MET B 341 -3.33 14.27 -18.07
C MET B 341 -3.36 14.42 -16.55
N ALA B 342 -2.53 13.65 -15.84
CA ALA B 342 -2.58 13.62 -14.39
C ALA B 342 -1.19 13.36 -13.85
N VAL B 343 -1.04 13.51 -12.53
CA VAL B 343 0.20 13.22 -11.83
C VAL B 343 -0.11 12.34 -10.63
N ALA B 344 0.61 11.24 -10.51
CA ALA B 344 0.43 10.33 -9.38
C ALA B 344 1.51 10.61 -8.34
N THR B 345 1.11 10.62 -7.08
CA THR B 345 2.03 10.79 -5.96
C THR B 345 1.82 9.67 -4.97
N GLY B 346 2.91 8.98 -4.61
CA GLY B 346 2.91 8.03 -3.52
C GLY B 346 3.54 8.64 -2.29
N SER B 347 3.32 7.99 -1.15
CA SER B 347 3.83 8.52 0.11
C SER B 347 3.99 7.39 1.11
N TRP B 348 4.60 7.72 2.24
CA TRP B 348 4.86 6.76 3.31
C TRP B 348 3.62 6.37 4.08
N ASP B 349 2.48 7.03 3.84
CA ASP B 349 1.22 6.66 4.45
C ASP B 349 0.50 5.55 3.68
N SER B 350 1.17 4.94 2.70
CA SER B 350 0.68 3.76 1.99
C SER B 350 -0.49 4.06 1.05
N PHE B 351 -0.55 5.28 0.52
CA PHE B 351 -1.62 5.65 -0.41
C PHE B 351 -1.03 6.34 -1.62
N LEU B 352 -1.49 5.95 -2.81
CA LEU B 352 -1.19 6.65 -4.05
C LEU B 352 -2.38 7.51 -4.43
N LYS B 353 -2.11 8.72 -4.87
CA LYS B 353 -3.16 9.66 -5.24
C LYS B 353 -2.90 10.16 -6.65
N ILE B 354 -3.91 10.09 -7.50
CA ILE B 354 -3.86 10.69 -8.83
C ILE B 354 -4.45 12.08 -8.74
N TRP B 355 -3.74 13.08 -9.25
CA TRP B 355 -4.13 14.47 -9.16
C TRP B 355 -4.31 15.02 -10.56
N ASN B 356 -5.37 15.82 -10.74
CA ASN B 356 -5.67 16.42 -12.02
C ASN B 356 -6.23 17.82 -11.85
N ALA C 7 46.46 2.97 -5.57
CA ALA C 7 46.37 3.44 -6.94
C ALA C 7 46.16 4.96 -6.98
N SER C 8 46.91 5.68 -6.14
CA SER C 8 46.80 7.13 -6.11
C SER C 8 47.21 7.75 -7.43
N ILE C 9 48.31 7.26 -8.02
CA ILE C 9 48.76 7.78 -9.31
C ILE C 9 47.73 7.50 -10.40
N ALA C 10 47.19 6.28 -10.42
CA ALA C 10 46.17 5.94 -11.41
C ALA C 10 44.91 6.77 -11.24
N GLN C 11 44.47 6.95 -9.99
CA GLN C 11 43.28 7.77 -9.74
C GLN C 11 43.52 9.21 -10.15
N ALA C 12 44.69 9.77 -9.84
CA ALA C 12 44.98 11.14 -10.23
C ALA C 12 45.04 11.28 -11.75
N ARG C 13 45.64 10.32 -12.44
CA ARG C 13 45.69 10.37 -13.90
C ARG C 13 44.31 10.27 -14.50
N LYS C 14 43.45 9.40 -13.95
CA LYS C 14 42.09 9.29 -14.45
C LYS C 14 41.32 10.59 -14.23
N LEU C 15 41.48 11.20 -13.06
CA LEU C 15 40.82 12.47 -12.79
C LEU C 15 41.31 13.56 -13.73
N VAL C 16 42.62 13.61 -13.99
CA VAL C 16 43.16 14.61 -14.89
C VAL C 16 42.63 14.43 -16.30
N GLU C 17 42.60 13.18 -16.78
CA GLU C 17 42.08 12.92 -18.12
C GLU C 17 40.60 13.27 -18.22
N GLN C 18 39.82 12.93 -17.19
CA GLN C 18 38.40 13.27 -17.19
C GLN C 18 38.20 14.78 -17.20
N LEU C 19 38.96 15.51 -16.39
CA LEU C 19 38.85 16.96 -16.37
C LEU C 19 39.24 17.56 -17.71
N LYS C 20 40.27 17.00 -18.36
CA LYS C 20 40.66 17.48 -19.68
C LYS C 20 39.55 17.23 -20.69
N MET C 21 38.91 16.07 -20.63
CA MET C 21 37.82 15.76 -21.55
C MET C 21 36.64 16.70 -21.33
N GLU C 22 36.31 16.98 -20.07
CA GLU C 22 35.20 17.89 -19.78
C GLU C 22 35.53 19.34 -20.14
N ALA C 23 36.81 19.71 -20.08
CA ALA C 23 37.18 21.09 -20.36
C ALA C 23 37.01 21.45 -21.83
N ASN C 24 37.34 20.52 -22.72
CA ASN C 24 37.28 20.76 -24.16
C ASN C 24 35.85 20.72 -24.70
N ILE C 25 34.84 20.69 -23.83
CA ILE C 25 33.46 20.63 -24.29
C ILE C 25 33.06 21.99 -24.87
N ASP C 26 32.51 21.98 -26.07
CA ASP C 26 31.98 23.20 -26.66
C ASP C 26 30.76 23.66 -25.87
N ARG C 27 30.67 24.97 -25.64
CA ARG C 27 29.61 25.54 -24.83
C ARG C 27 28.92 26.65 -25.60
N ILE C 28 27.68 26.94 -25.17
CA ILE C 28 26.89 28.03 -25.74
C ILE C 28 26.48 28.96 -24.60
N LYS C 29 26.20 30.21 -24.97
CA LYS C 29 25.86 31.21 -23.97
C LYS C 29 24.55 30.86 -23.28
N VAL C 30 24.47 31.21 -21.99
CA VAL C 30 23.31 30.87 -21.18
C VAL C 30 22.05 31.55 -21.72
N SER C 31 22.21 32.73 -22.32
CA SER C 31 21.05 33.45 -22.86
C SER C 31 20.36 32.63 -23.94
N LYS C 32 21.13 32.03 -24.85
CA LYS C 32 20.53 31.24 -25.91
C LYS C 32 19.86 29.98 -25.36
N ALA C 33 20.49 29.33 -24.38
CA ALA C 33 19.88 28.15 -23.77
C ALA C 33 18.57 28.48 -23.08
N ALA C 34 18.54 29.59 -22.35
CA ALA C 34 17.31 30.02 -21.71
C ALA C 34 16.24 30.37 -22.74
N ALA C 35 16.64 31.01 -23.84
CA ALA C 35 15.70 31.32 -24.91
C ALA C 35 15.13 30.05 -25.51
N ASP C 36 15.98 29.03 -25.70
CA ASP C 36 15.50 27.75 -26.24
C ASP C 36 14.53 27.08 -25.29
N LEU C 37 14.82 27.11 -23.98
CA LEU C 37 13.90 26.54 -23.00
C LEU C 37 12.56 27.27 -23.02
N MET C 38 12.59 28.60 -23.08
CA MET C 38 11.35 29.37 -23.17
C MET C 38 10.59 29.05 -24.45
N ALA C 39 11.31 28.93 -25.57
CA ALA C 39 10.66 28.61 -26.84
C ALA C 39 9.99 27.24 -26.79
N TYR C 40 10.65 26.26 -26.19
CA TYR C 40 10.02 24.96 -26.03
C TYR C 40 8.79 25.05 -25.13
N CYS C 41 8.87 25.83 -24.06
CA CYS C 41 7.73 25.94 -23.15
C CYS C 41 6.52 26.57 -23.84
N GLU C 42 6.73 27.64 -24.61
CA GLU C 42 5.61 28.28 -25.29
C GLU C 42 5.20 27.56 -26.57
N ALA C 43 6.02 26.66 -27.10
CA ALA C 43 5.63 25.89 -28.27
C ALA C 43 4.65 24.78 -27.93
N HIS C 44 4.79 24.18 -26.74
CA HIS C 44 3.94 23.07 -26.31
C HIS C 44 3.00 23.45 -25.18
N ALA C 45 2.70 24.74 -25.03
CA ALA C 45 1.85 25.19 -23.93
C ALA C 45 0.41 24.74 -24.12
N LYS C 46 -0.07 24.67 -25.37
CA LYS C 46 -1.46 24.29 -25.61
C LYS C 46 -1.73 22.86 -25.16
N GLU C 47 -0.80 21.95 -25.40
CA GLU C 47 -0.96 20.55 -25.03
C GLU C 47 -0.41 20.27 -23.63
N ASP C 48 -0.86 21.05 -22.65
CA ASP C 48 -0.44 20.91 -21.26
C ASP C 48 -1.68 20.88 -20.39
N PRO C 49 -2.27 19.69 -20.19
CA PRO C 49 -3.50 19.62 -19.38
C PRO C 49 -3.32 20.11 -17.94
N LEU C 50 -2.12 19.99 -17.38
CA LEU C 50 -1.88 20.46 -16.02
C LEU C 50 -1.78 21.98 -15.96
N LEU C 51 -1.30 22.62 -17.03
CA LEU C 51 -1.25 24.08 -17.07
C LEU C 51 -2.65 24.68 -17.07
N THR C 52 -3.51 24.20 -17.96
CA THR C 52 -4.90 24.65 -18.05
C THR C 52 -5.81 23.45 -17.86
N PRO C 53 -6.62 23.41 -16.79
CA PRO C 53 -7.47 22.23 -16.56
C PRO C 53 -8.43 22.00 -17.70
N VAL C 54 -8.45 20.76 -18.19
CA VAL C 54 -9.30 20.37 -19.33
C VAL C 54 -10.75 20.33 -18.88
N PRO C 55 -11.71 20.50 -19.79
CA PRO C 55 -13.11 20.33 -19.41
C PRO C 55 -13.41 18.90 -19.00
N ALA C 56 -14.43 18.75 -18.15
CA ALA C 56 -14.75 17.44 -17.60
C ALA C 56 -15.09 16.41 -18.66
N SER C 57 -15.52 16.84 -19.85
CA SER C 57 -15.80 15.90 -20.92
C SER C 57 -14.54 15.18 -21.37
N GLU C 58 -13.43 15.92 -21.51
CA GLU C 58 -12.17 15.37 -21.98
C GLU C 58 -11.19 15.08 -20.84
N ASN C 59 -11.71 14.78 -19.65
CA ASN C 59 -10.88 14.45 -18.50
C ASN C 59 -11.10 13.00 -18.11
N PRO C 60 -10.20 12.08 -18.46
CA PRO C 60 -10.42 10.66 -18.16
C PRO C 60 -10.50 10.35 -16.67
N PHE C 61 -9.96 11.22 -15.82
CA PHE C 61 -9.99 11.01 -14.38
C PHE C 61 -11.10 11.78 -13.68
N ARG C 62 -11.89 12.55 -14.43
CA ARG C 62 -12.99 13.29 -13.82
C ARG C 62 -14.04 12.36 -13.24
N GLU C 63 -14.39 11.31 -13.98
CA GLU C 63 -15.38 10.34 -13.51
C GLU C 63 -14.99 8.92 -13.91
N THR D 147 -36.52 26.77 45.65
CA THR D 147 -37.23 25.56 46.06
C THR D 147 -36.68 24.33 45.34
N VAL D 148 -37.31 23.19 45.59
CA VAL D 148 -36.90 21.95 44.92
C VAL D 148 -37.17 22.02 43.43
N HIS D 149 -38.25 22.68 43.03
CA HIS D 149 -38.56 22.81 41.61
C HIS D 149 -37.52 23.68 40.89
N THR D 150 -37.02 24.72 41.57
CA THR D 150 -35.96 25.53 40.99
C THR D 150 -34.70 24.70 40.77
N ALA D 151 -34.34 23.86 41.75
CA ALA D 151 -33.19 22.99 41.59
C ALA D 151 -33.40 21.99 40.46
N TYR D 152 -34.62 21.47 40.33
CA TYR D 152 -34.92 20.56 39.24
C TYR D 152 -34.76 21.25 37.89
N LEU D 153 -35.25 22.49 37.77
CA LEU D 153 -35.11 23.22 36.52
C LEU D 153 -33.64 23.50 36.21
N VAL D 154 -32.86 23.86 37.23
CA VAL D 154 -31.44 24.12 37.02
C VAL D 154 -30.73 22.87 36.53
N LEU D 155 -31.03 21.73 37.18
CA LEU D 155 -30.42 20.47 36.77
C LEU D 155 -30.85 20.07 35.37
N SER D 156 -32.11 20.32 35.01
CA SER D 156 -32.56 20.02 33.65
C SER D 156 -31.82 20.87 32.62
N SER D 157 -31.65 22.16 32.90
CA SER D 157 -30.93 23.03 31.98
C SER D 157 -29.47 22.60 31.84
N LEU D 158 -28.82 22.26 32.96
CA LEU D 158 -27.44 21.79 32.89
C LEU D 158 -27.34 20.49 32.11
N ALA D 159 -28.32 19.59 32.31
CA ALA D 159 -28.34 18.33 31.57
C ALA D 159 -28.50 18.57 30.08
N MET D 160 -29.36 19.52 29.71
CA MET D 160 -29.48 19.88 28.29
C MET D 160 -28.16 20.39 27.73
N PHE D 161 -27.46 21.25 28.49
CA PHE D 161 -26.20 21.80 28.01
C PHE D 161 -25.17 20.69 27.81
N THR D 162 -25.02 19.80 28.80
CA THR D 162 -24.02 18.75 28.65
C THR D 162 -24.45 17.73 27.60
N CYS D 163 -25.75 17.56 27.38
CA CYS D 163 -26.20 16.70 26.28
C CYS D 163 -25.79 17.28 24.94
N LEU D 164 -25.96 18.58 24.76
CA LEU D 164 -25.53 19.22 23.51
C LEU D 164 -24.02 19.06 23.32
N CYS D 165 -23.25 19.32 24.38
CA CYS D 165 -21.80 19.22 24.28
C CYS D 165 -21.36 17.79 23.98
N GLY D 166 -21.96 16.81 24.66
CA GLY D 166 -21.60 15.42 24.42
C GLY D 166 -22.01 14.95 23.05
N MET D 167 -23.17 15.39 22.56
CA MET D 167 -23.57 15.04 21.20
C MET D 167 -22.58 15.59 20.19
N ALA D 168 -22.15 16.84 20.37
CA ALA D 168 -21.15 17.41 19.46
C ALA D 168 -19.85 16.61 19.51
N GLY D 169 -19.36 16.33 20.72
CA GLY D 169 -18.10 15.62 20.85
C GLY D 169 -18.14 14.22 20.27
N ASN D 170 -19.24 13.50 20.53
CA ASN D 170 -19.40 12.17 19.96
C ASN D 170 -19.56 12.23 18.44
N SER D 171 -20.15 13.31 17.92
CA SER D 171 -20.19 13.48 16.47
C SER D 171 -18.79 13.61 15.89
N MET D 172 -17.93 14.41 16.52
CA MET D 172 -16.55 14.51 16.04
C MET D 172 -15.85 13.16 16.14
N VAL D 173 -16.00 12.46 17.26
CA VAL D 173 -15.32 11.18 17.44
C VAL D 173 -15.79 10.18 16.39
N ILE D 174 -17.08 10.21 16.05
CA ILE D 174 -17.60 9.38 14.97
C ILE D 174 -16.97 9.78 13.64
N TRP D 175 -16.80 11.09 13.42
CA TRP D 175 -16.28 11.56 12.14
C TRP D 175 -14.84 11.13 11.91
N LEU D 176 -13.93 11.58 12.78
CA LEU D 176 -12.50 11.30 12.53
C LEU D 176 -12.20 9.81 12.54
N LEU D 177 -12.82 9.05 13.45
CA LEU D 177 -12.50 7.63 13.58
C LEU D 177 -13.39 6.74 12.72
N GLY D 178 -14.35 7.32 11.99
CA GLY D 178 -15.36 6.57 11.26
C GLY D 178 -14.88 5.39 10.43
N PHE D 179 -14.13 5.65 9.36
CA PHE D 179 -13.58 4.58 8.54
C PHE D 179 -12.06 4.55 8.55
N ARG D 180 -11.43 5.38 9.38
CA ARG D 180 -9.98 5.38 9.56
C ARG D 180 -9.65 4.83 10.94
N MET D 181 -8.34 4.68 11.19
CA MET D 181 -7.80 4.22 12.47
C MET D 181 -8.19 2.78 12.80
N HIS D 182 -8.88 2.09 11.90
CA HIS D 182 -9.39 0.75 12.19
C HIS D 182 -8.32 -0.32 12.17
N ARG D 183 -7.09 -0.02 11.73
CA ARG D 183 -6.00 -0.96 11.91
C ARG D 183 -5.70 -1.17 13.40
N ASN D 184 -6.01 -0.18 14.22
CA ASN D 184 -5.88 -0.32 15.66
C ASN D 184 -6.95 -1.27 16.18
N PRO D 185 -6.60 -2.30 16.97
CA PRO D 185 -7.63 -3.18 17.53
C PRO D 185 -8.56 -2.49 18.53
N PHE D 186 -8.21 -1.31 19.01
CA PHE D 186 -8.95 -0.62 20.06
C PHE D 186 -9.97 0.38 19.52
N CYS D 187 -10.12 0.50 18.21
CA CYS D 187 -10.92 1.58 17.65
C CYS D 187 -12.38 1.20 17.38
N ILE D 188 -12.65 -0.08 17.14
CA ILE D 188 -14.03 -0.51 16.92
C ILE D 188 -14.86 -0.29 18.17
N TYR D 189 -14.32 -0.64 19.33
CA TYR D 189 -15.02 -0.41 20.59
C TYR D 189 -15.27 1.07 20.82
N ILE D 190 -14.29 1.92 20.50
CA ILE D 190 -14.47 3.34 20.71
C ILE D 190 -15.52 3.92 19.77
N LEU D 191 -15.54 3.44 18.52
CA LEU D 191 -16.58 3.90 17.59
C LEU D 191 -17.97 3.49 18.07
N ASN D 192 -18.11 2.23 18.50
CA ASN D 192 -19.40 1.76 19.00
C ASN D 192 -19.83 2.53 20.24
N LEU D 193 -18.88 2.79 21.14
CA LEU D 193 -19.19 3.54 22.36
C LEU D 193 -19.59 4.97 22.03
N ALA D 194 -18.92 5.60 21.06
CA ALA D 194 -19.31 6.94 20.65
C ALA D 194 -20.72 6.94 20.07
N ALA D 195 -21.05 5.95 19.25
CA ALA D 195 -22.41 5.87 18.70
C ALA D 195 -23.44 5.69 19.80
N ALA D 196 -23.16 4.79 20.76
CA ALA D 196 -24.10 4.55 21.85
C ALA D 196 -24.27 5.79 22.71
N ASP D 197 -23.17 6.49 23.02
CA ASP D 197 -23.25 7.69 23.82
C ASP D 197 -24.00 8.81 23.09
N LEU D 198 -23.79 8.92 21.77
CA LEU D 198 -24.54 9.89 20.99
C LEU D 198 -26.03 9.59 21.03
N LEU D 199 -26.40 8.32 20.88
CA LEU D 199 -27.81 7.95 20.97
C LEU D 199 -28.38 8.27 22.34
N PHE D 200 -27.62 7.95 23.41
CA PHE D 200 -28.08 8.22 24.77
C PHE D 200 -28.30 9.72 24.98
N LEU D 201 -27.34 10.53 24.56
CA LEU D 201 -27.43 11.96 24.80
C LEU D 201 -28.55 12.59 23.96
N PHE D 202 -28.70 12.16 22.70
CA PHE D 202 -29.80 12.65 21.88
C PHE D 202 -31.14 12.28 22.51
N SER D 203 -31.27 11.04 22.97
CA SER D 203 -32.53 10.60 23.55
C SER D 203 -32.85 11.39 24.82
N MET D 204 -31.87 11.60 25.70
CA MET D 204 -32.19 12.34 26.91
C MET D 204 -32.43 13.82 26.62
N ALA D 205 -31.72 14.39 25.66
CA ALA D 205 -31.95 15.78 25.30
C ALA D 205 -33.36 15.99 24.78
N SER D 206 -33.83 15.08 23.92
CA SER D 206 -35.20 15.21 23.43
C SER D 206 -36.21 14.90 24.52
N THR D 207 -35.88 13.99 25.44
CA THR D 207 -36.78 13.70 26.57
C THR D 207 -36.96 14.95 27.43
N LEU D 208 -35.87 15.63 27.75
CA LEU D 208 -35.96 16.86 28.53
C LEU D 208 -36.64 17.97 27.74
N SER D 209 -36.45 18.00 26.42
CA SER D 209 -37.13 19.00 25.60
C SER D 209 -38.64 18.81 25.65
N LEU D 210 -39.10 17.57 25.51
CA LEU D 210 -40.55 17.32 25.51
C LEU D 210 -41.14 17.26 26.91
N GLU D 211 -40.32 17.16 27.94
CA GLU D 211 -40.86 17.12 29.30
C GLU D 211 -41.49 18.44 29.71
N THR D 212 -41.07 19.55 29.09
CA THR D 212 -41.69 20.84 29.39
C THR D 212 -43.14 20.87 28.94
N GLN D 213 -43.43 20.30 27.78
CA GLN D 213 -44.80 20.29 27.28
C GLN D 213 -45.68 19.38 28.13
N PRO D 214 -46.98 19.66 28.20
CA PRO D 214 -47.89 18.75 28.91
C PRO D 214 -47.92 17.38 28.26
N LEU D 215 -48.07 16.36 29.09
CA LEU D 215 -48.06 14.96 28.64
C LEU D 215 -49.45 14.39 28.87
N VAL D 216 -50.31 14.49 27.86
CA VAL D 216 -51.66 13.96 27.95
C VAL D 216 -51.92 12.95 26.84
N ASN D 217 -51.91 13.41 25.59
CA ASN D 217 -52.21 12.50 24.49
C ASN D 217 -51.17 12.55 23.37
N THR D 218 -50.66 13.74 23.02
CA THR D 218 -49.70 13.84 21.93
C THR D 218 -48.36 13.22 22.33
N THR D 219 -47.85 13.59 23.49
CA THR D 219 -46.67 12.96 24.06
C THR D 219 -47.12 11.82 24.98
N ASP D 220 -46.20 11.34 25.81
CA ASP D 220 -46.40 10.25 26.77
C ASP D 220 -46.54 8.90 26.09
N LYS D 221 -46.55 8.84 24.76
CA LYS D 221 -46.47 7.60 24.01
C LYS D 221 -45.15 7.48 23.25
N VAL D 222 -44.80 8.50 22.48
CA VAL D 222 -43.44 8.58 21.94
C VAL D 222 -42.45 8.85 23.07
N HIS D 223 -42.88 9.56 24.11
CA HIS D 223 -41.99 9.87 25.22
C HIS D 223 -41.55 8.62 25.95
N GLU D 224 -42.48 7.68 26.19
CA GLU D 224 -42.12 6.45 26.88
C GLU D 224 -41.18 5.59 26.03
N LEU D 225 -41.47 5.46 24.74
CA LEU D 225 -40.59 4.70 23.85
C LEU D 225 -39.20 5.31 23.80
N MET D 226 -39.13 6.64 23.74
CA MET D 226 -37.83 7.31 23.67
C MET D 226 -37.09 7.24 25.01
N LYS D 227 -37.80 7.26 26.13
CA LYS D 227 -37.17 7.02 27.43
C LYS D 227 -36.58 5.62 27.49
N ARG D 228 -37.32 4.62 27.00
CA ARG D 228 -36.77 3.26 26.96
C ARG D 228 -35.60 3.17 26.00
N LEU D 229 -35.62 3.95 24.91
CA LEU D 229 -34.48 4.00 24.01
C LEU D 229 -33.25 4.56 24.70
N MET D 230 -33.44 5.58 25.54
CA MET D 230 -32.31 6.13 26.29
C MET D 230 -31.81 5.13 27.33
N TYR D 231 -32.73 4.39 27.96
CA TYR D 231 -32.34 3.26 28.79
C TYR D 231 -31.43 2.30 28.03
N PHE D 232 -31.85 1.93 26.82
CA PHE D 232 -31.12 0.96 26.02
C PHE D 232 -29.74 1.48 25.64
N ALA D 233 -29.66 2.75 25.26
CA ALA D 233 -28.37 3.35 24.92
C ALA D 233 -27.45 3.41 26.14
N TYR D 234 -28.00 3.72 27.31
CA TYR D 234 -27.21 3.73 28.54
C TYR D 234 -26.64 2.35 28.83
N THR D 235 -27.48 1.32 28.71
CA THR D 235 -27.02 -0.04 28.99
C THR D 235 -25.94 -0.48 28.02
N VAL D 236 -26.12 -0.18 26.73
CA VAL D 236 -25.12 -0.59 25.75
C VAL D 236 -23.83 0.20 25.93
N GLY D 237 -23.92 1.47 26.33
CA GLY D 237 -22.72 2.22 26.63
C GLY D 237 -21.95 1.65 27.81
N LEU D 238 -22.66 1.24 28.86
CA LEU D 238 -21.99 0.61 30.00
C LEU D 238 -21.31 -0.69 29.59
N SER D 239 -22.00 -1.50 28.78
CA SER D 239 -21.40 -2.75 28.30
C SER D 239 -20.16 -2.48 27.46
N LEU D 240 -20.21 -1.43 26.63
CA LEU D 240 -19.06 -1.10 25.79
C LEU D 240 -17.89 -0.60 26.63
N LEU D 241 -18.16 0.17 27.68
CA LEU D 241 -17.09 0.58 28.59
C LEU D 241 -16.44 -0.63 29.24
N THR D 242 -17.26 -1.59 29.68
CA THR D 242 -16.72 -2.82 30.26
C THR D 242 -15.84 -3.56 29.25
N ALA D 243 -16.31 -3.66 28.00
CA ALA D 243 -15.53 -4.35 26.98
C ALA D 243 -14.22 -3.64 26.69
N ILE D 244 -14.23 -2.30 26.67
CA ILE D 244 -13.01 -1.54 26.43
C ILE D 244 -12.00 -1.79 27.54
N SER D 245 -12.47 -1.74 28.79
CA SER D 245 -11.56 -1.98 29.92
C SER D 245 -10.99 -3.40 29.88
N THR D 246 -11.84 -4.38 29.57
CA THR D 246 -11.36 -5.76 29.50
C THR D 246 -10.35 -5.93 28.37
N GLN D 247 -10.58 -5.31 27.23
CA GLN D 247 -9.63 -5.39 26.12
C GLN D 247 -8.31 -4.73 26.48
N ARG D 248 -8.35 -3.59 27.16
CA ARG D 248 -7.11 -2.94 27.60
C ARG D 248 -6.35 -3.83 28.58
N CYS D 249 -7.06 -4.48 29.49
CA CYS D 249 -6.38 -5.38 30.43
C CYS D 249 -5.78 -6.58 29.71
N LEU D 250 -6.50 -7.12 28.73
CA LEU D 250 -5.98 -8.28 28.00
C LEU D 250 -4.80 -7.91 27.11
N SER D 251 -4.74 -6.67 26.64
CA SER D 251 -3.65 -6.25 25.78
C SER D 251 -2.30 -6.26 26.49
N VAL D 252 -2.29 -6.17 27.82
CA VAL D 252 -1.05 -6.21 28.57
C VAL D 252 -0.90 -7.46 29.41
N LEU D 253 -1.99 -8.15 29.74
CA LEU D 253 -1.87 -9.40 30.49
C LEU D 253 -1.37 -10.52 29.60
N PHE D 254 -1.89 -10.61 28.37
CA PHE D 254 -1.49 -11.61 27.39
C PHE D 254 -1.16 -10.88 26.09
N PRO D 255 0.05 -10.34 25.98
CA PRO D 255 0.37 -9.51 24.81
C PRO D 255 0.61 -10.32 23.54
N ILE D 256 1.22 -11.50 23.68
CA ILE D 256 1.47 -12.34 22.51
C ILE D 256 0.15 -12.80 21.89
N TRP D 257 -0.80 -13.23 22.72
CA TRP D 257 -2.11 -13.61 22.21
C TRP D 257 -2.82 -12.43 21.56
N PHE D 258 -2.74 -11.25 22.18
CA PHE D 258 -3.39 -10.08 21.64
C PHE D 258 -2.78 -9.66 20.31
N LYS D 259 -1.49 -9.92 20.11
CA LYS D 259 -0.82 -9.49 18.89
C LYS D 259 -0.97 -10.50 17.75
N CYS D 260 -0.71 -11.77 18.02
CA CYS D 260 -0.60 -12.76 16.96
C CYS D 260 -1.68 -13.83 16.99
N HIS D 261 -2.64 -13.75 17.92
CA HIS D 261 -3.68 -14.78 18.00
C HIS D 261 -5.09 -14.24 18.17
N ARG D 262 -5.27 -12.97 18.50
CA ARG D 262 -6.61 -12.43 18.67
C ARG D 262 -7.32 -12.36 17.33
N PRO D 263 -8.56 -12.86 17.23
CA PRO D 263 -9.29 -12.74 15.97
C PRO D 263 -9.47 -11.29 15.54
N ARG D 264 -9.34 -11.05 14.23
CA ARG D 264 -9.43 -9.69 13.72
C ARG D 264 -10.82 -9.11 13.92
N HIS D 265 -11.86 -9.90 13.71
CA HIS D 265 -13.24 -9.45 13.83
C HIS D 265 -13.81 -9.62 15.23
N LEU D 266 -12.97 -9.92 16.22
CA LEU D 266 -13.48 -10.17 17.57
C LEU D 266 -14.18 -8.93 18.13
N SER D 267 -13.60 -7.75 17.94
CA SER D 267 -14.24 -6.54 18.44
C SER D 267 -15.58 -6.30 17.76
N ALA D 268 -15.65 -6.53 16.44
CA ALA D 268 -16.87 -6.24 15.71
C ALA D 268 -18.03 -7.11 16.18
N TRP D 269 -17.82 -8.42 16.28
CA TRP D 269 -18.92 -9.27 16.70
C TRP D 269 -19.15 -9.24 18.20
N VAL D 270 -18.16 -8.87 19.00
CA VAL D 270 -18.44 -8.60 20.41
C VAL D 270 -19.35 -7.39 20.54
N CYS D 271 -19.09 -6.33 19.77
CA CYS D 271 -19.99 -5.17 19.76
C CYS D 271 -21.37 -5.55 19.27
N GLY D 272 -21.45 -6.38 18.22
CA GLY D 272 -22.74 -6.83 17.74
C GLY D 272 -23.51 -7.61 18.78
N LEU D 273 -22.81 -8.51 19.50
CA LEU D 273 -23.46 -9.26 20.57
C LEU D 273 -23.94 -8.34 21.68
N LEU D 274 -23.15 -7.34 22.04
CA LEU D 274 -23.56 -6.40 23.08
C LEU D 274 -24.79 -5.62 22.66
N TRP D 275 -24.80 -5.12 21.42
CA TRP D 275 -25.96 -4.39 20.92
C TRP D 275 -27.21 -5.28 20.90
N THR D 276 -27.06 -6.51 20.42
CA THR D 276 -28.20 -7.42 20.35
C THR D 276 -28.74 -7.75 21.73
N LEU D 277 -27.85 -8.05 22.69
CA LEU D 277 -28.30 -8.39 24.03
C LEU D 277 -28.98 -7.20 24.70
N CYS D 278 -28.41 -6.00 24.53
CA CYS D 278 -29.04 -4.82 25.13
C CYS D 278 -30.39 -4.55 24.51
N LEU D 279 -30.52 -4.69 23.18
CA LEU D 279 -31.81 -4.51 22.53
C LEU D 279 -32.82 -5.54 23.02
N LEU D 280 -32.40 -6.80 23.17
CA LEU D 280 -33.31 -7.84 23.63
C LEU D 280 -33.78 -7.56 25.05
N MET D 281 -32.84 -7.19 25.94
CA MET D 281 -33.21 -6.94 27.33
C MET D 281 -34.10 -5.71 27.45
N ASN D 282 -33.83 -4.66 26.69
CA ASN D 282 -34.66 -3.47 26.78
C ASN D 282 -36.00 -3.66 26.08
N GLY D 283 -36.10 -4.57 25.12
CA GLY D 283 -37.40 -4.97 24.64
C GLY D 283 -38.18 -5.77 25.67
N LEU D 284 -37.49 -6.66 26.38
CA LEU D 284 -38.12 -7.40 27.47
C LEU D 284 -38.47 -6.50 28.65
N THR D 285 -37.90 -5.30 28.70
CA THR D 285 -38.25 -4.32 29.72
C THR D 285 -39.36 -3.37 29.28
N SER D 286 -39.34 -2.95 28.01
CA SER D 286 -40.26 -1.92 27.53
C SER D 286 -41.68 -2.45 27.35
N SER D 287 -41.85 -3.40 26.45
CA SER D 287 -43.16 -3.97 26.12
C SER D 287 -43.74 -4.80 27.25
N PHE D 288 -43.05 -4.84 28.37
CA PHE D 288 -43.38 -5.70 29.50
C PHE D 288 -43.64 -4.91 30.78
N CYS D 289 -42.91 -3.82 31.00
CA CYS D 289 -43.10 -3.00 32.20
C CYS D 289 -43.66 -1.61 31.90
N SER D 290 -43.36 -1.02 30.75
CA SER D 290 -43.90 0.31 30.43
C SER D 290 -45.40 0.24 30.22
N LYS D 291 -46.07 1.37 30.51
CA LYS D 291 -47.52 1.45 30.41
C LYS D 291 -48.02 1.36 28.98
N PHE D 292 -47.13 1.46 27.98
CA PHE D 292 -47.57 1.42 26.59
C PHE D 292 -48.21 0.09 26.24
N LEU D 293 -47.61 -1.01 26.67
CA LEU D 293 -48.10 -2.34 26.32
C LEU D 293 -48.49 -3.18 27.53
N LYS D 294 -47.67 -3.19 28.58
CA LYS D 294 -47.97 -3.97 29.79
C LYS D 294 -47.52 -3.15 31.00
N PHE D 295 -48.49 -2.49 31.64
CA PHE D 295 -48.20 -1.68 32.83
C PHE D 295 -48.23 -2.52 34.11
N ASN D 296 -47.47 -3.60 34.11
CA ASN D 296 -47.42 -4.47 35.29
C ASN D 296 -46.65 -3.80 36.41
N GLU D 297 -46.86 -4.30 37.63
CA GLU D 297 -46.20 -3.76 38.81
C GLU D 297 -45.19 -4.73 39.41
N ASP D 298 -45.61 -5.95 39.75
CA ASP D 298 -44.67 -6.92 40.32
C ASP D 298 -43.75 -7.50 39.26
N ARG D 299 -44.31 -7.83 38.09
CA ARG D 299 -43.50 -8.39 37.01
C ARG D 299 -42.51 -7.37 36.48
N CYS D 300 -42.94 -6.11 36.33
CA CYS D 300 -42.03 -5.04 35.96
C CYS D 300 -40.95 -4.86 37.01
N PHE D 301 -41.32 -4.98 38.28
CA PHE D 301 -40.34 -4.91 39.37
C PHE D 301 -39.30 -6.00 39.23
N ARG D 302 -39.73 -7.22 38.94
CA ARG D 302 -38.78 -8.32 38.78
C ARG D 302 -37.87 -8.09 37.59
N VAL D 303 -38.42 -7.62 36.46
CA VAL D 303 -37.62 -7.38 35.27
C VAL D 303 -36.58 -6.29 35.54
N ASP D 304 -37.00 -5.21 36.18
CA ASP D 304 -36.07 -4.12 36.50
C ASP D 304 -35.01 -4.56 37.50
N MET D 305 -35.38 -5.40 38.48
CA MET D 305 -34.40 -5.92 39.42
C MET D 305 -33.38 -6.80 38.71
N VAL D 306 -33.83 -7.63 37.77
CA VAL D 306 -32.90 -8.46 37.01
C VAL D 306 -31.95 -7.58 36.19
N GLN D 307 -32.50 -6.55 35.55
CA GLN D 307 -31.67 -5.63 34.77
C GLN D 307 -30.63 -4.95 35.64
N ALA D 308 -31.04 -4.41 36.78
CA ALA D 308 -30.13 -3.67 37.65
C ALA D 308 -29.09 -4.59 38.27
N ALA D 309 -29.50 -5.79 38.67
CA ALA D 309 -28.55 -6.76 39.21
C ALA D 309 -27.51 -7.13 38.18
N LEU D 310 -27.95 -7.41 36.95
CA LEU D 310 -27.00 -7.68 35.88
C LEU D 310 -26.03 -6.52 35.70
N ILE D 311 -26.58 -5.31 35.52
CA ILE D 311 -25.74 -4.14 35.28
C ILE D 311 -24.71 -3.99 36.38
N MET D 312 -25.17 -3.78 37.61
CA MET D 312 -24.24 -3.54 38.71
C MET D 312 -23.33 -4.75 38.90
N GLY D 313 -23.87 -5.87 39.35
CA GLY D 313 -23.04 -6.98 39.77
C GLY D 313 -22.43 -7.79 38.65
N VAL D 314 -22.44 -7.26 37.42
CA VAL D 314 -21.66 -7.89 36.36
C VAL D 314 -20.70 -6.87 35.76
N LEU D 315 -21.24 -5.73 35.30
CA LEU D 315 -20.38 -4.74 34.65
C LEU D 315 -19.46 -4.07 35.65
N THR D 316 -19.97 -3.67 36.82
CA THR D 316 -19.11 -3.00 37.79
C THR D 316 -17.94 -3.87 38.26
N PRO D 317 -18.15 -5.13 38.70
CA PRO D 317 -16.99 -5.93 39.10
C PRO D 317 -16.02 -6.17 37.96
N VAL D 318 -16.51 -6.50 36.77
CA VAL D 318 -15.61 -6.80 35.65
C VAL D 318 -14.81 -5.57 35.27
N MET D 319 -15.46 -4.42 35.13
CA MET D 319 -14.76 -3.20 34.74
C MET D 319 -13.74 -2.79 35.80
N THR D 320 -14.16 -2.79 37.07
CA THR D 320 -13.26 -2.36 38.14
C THR D 320 -12.09 -3.32 38.29
N LEU D 321 -12.34 -4.62 38.22
CA LEU D 321 -11.26 -5.60 38.34
C LEU D 321 -10.31 -5.53 37.17
N SER D 322 -10.82 -5.34 35.95
CA SER D 322 -9.94 -5.22 34.79
C SER D 322 -9.05 -3.99 34.90
N SER D 323 -9.64 -2.86 35.28
CA SER D 323 -8.84 -1.64 35.42
C SER D 323 -7.81 -1.78 36.54
N LEU D 324 -8.21 -2.39 37.66
CA LEU D 324 -7.28 -2.59 38.76
C LEU D 324 -6.15 -3.53 38.37
N THR D 325 -6.46 -4.58 37.61
CA THR D 325 -5.42 -5.50 37.16
C THR D 325 -4.44 -4.80 36.22
N LEU D 326 -4.96 -3.98 35.30
CA LEU D 326 -4.06 -3.21 34.45
C LEU D 326 -3.19 -2.26 35.26
N PHE D 327 -3.79 -1.58 36.23
CA PHE D 327 -3.05 -0.68 37.12
C PHE D 327 -1.92 -1.42 37.82
N VAL D 328 -2.24 -2.54 38.46
CA VAL D 328 -1.25 -3.29 39.24
C VAL D 328 -0.17 -3.85 38.33
N TRP D 329 -0.55 -4.39 37.17
CA TRP D 329 0.43 -4.98 36.27
C TRP D 329 1.40 -3.93 35.74
N VAL D 330 0.88 -2.75 35.36
CA VAL D 330 1.77 -1.70 34.88
C VAL D 330 2.67 -1.20 36.00
N ARG D 331 2.11 -1.04 37.21
CA ARG D 331 2.92 -0.55 38.32
C ARG D 331 4.00 -1.54 38.72
N ARG D 332 3.74 -2.84 38.55
CA ARG D 332 4.67 -3.86 39.01
C ARG D 332 5.71 -4.24 37.97
N SER D 333 5.27 -4.56 36.76
CA SER D 333 6.17 -5.09 35.73
C SER D 333 6.73 -4.02 34.80
N SER D 334 6.32 -2.77 34.95
CA SER D 334 6.83 -1.74 34.05
C SER D 334 7.42 -0.54 34.78
N GLN D 335 6.82 -0.13 35.91
CA GLN D 335 7.32 1.03 36.63
C GLN D 335 8.57 0.74 37.45
N GLN D 336 8.93 -0.53 37.63
CA GLN D 336 10.12 -0.86 38.40
C GLN D 336 11.40 -0.59 37.62
N TRP D 337 11.38 -0.81 36.32
CA TRP D 337 12.58 -0.67 35.49
C TRP D 337 12.67 0.72 34.85
N ARG D 338 11.68 1.07 34.04
CA ARG D 338 11.69 2.33 33.31
C ARG D 338 11.03 3.43 34.15
N ARG D 339 10.92 4.61 33.57
CA ARG D 339 10.23 5.71 34.23
C ARG D 339 8.75 5.40 34.39
N GLN D 340 8.17 5.90 35.48
CA GLN D 340 6.79 5.59 35.80
C GLN D 340 5.86 6.15 34.73
N PRO D 341 4.94 5.34 34.19
CA PRO D 341 3.95 5.86 33.21
C PRO D 341 2.81 6.59 33.90
N THR D 342 3.08 7.81 34.33
CA THR D 342 2.11 8.57 35.12
C THR D 342 0.83 8.83 34.33
N ARG D 343 0.95 9.03 33.02
CA ARG D 343 -0.23 9.24 32.19
C ARG D 343 -1.16 8.03 32.24
N LEU D 344 -0.60 6.83 32.15
CA LEU D 344 -1.41 5.62 32.22
C LEU D 344 -2.16 5.55 33.54
N PHE D 345 -1.45 5.78 34.65
CA PHE D 345 -2.08 5.69 35.96
C PHE D 345 -3.20 6.69 36.09
N VAL D 346 -2.95 7.94 35.66
CA VAL D 346 -3.95 8.99 35.85
C VAL D 346 -5.16 8.74 34.96
N VAL D 347 -4.96 8.28 33.72
CA VAL D 347 -6.11 8.07 32.85
C VAL D 347 -6.92 6.85 33.29
N VAL D 348 -6.25 5.80 33.76
CA VAL D 348 -6.98 4.63 34.25
C VAL D 348 -7.81 5.00 35.47
N LEU D 349 -7.19 5.73 36.42
CA LEU D 349 -7.92 6.15 37.61
C LEU D 349 -9.07 7.08 37.26
N ALA D 350 -8.85 7.99 36.31
CA ALA D 350 -9.90 8.90 35.89
C ALA D 350 -11.06 8.14 35.25
N SER D 351 -10.77 7.15 34.41
CA SER D 351 -11.82 6.36 33.79
C SER D 351 -12.63 5.61 34.84
N VAL D 352 -11.94 4.98 35.81
CA VAL D 352 -12.66 4.23 36.84
C VAL D 352 -13.52 5.16 37.68
N LEU D 353 -12.97 6.31 38.06
CA LEU D 353 -13.73 7.26 38.87
C LEU D 353 -14.92 7.80 38.11
N VAL D 354 -14.74 8.15 36.84
CA VAL D 354 -15.85 8.66 36.05
C VAL D 354 -16.94 7.61 35.95
N PHE D 355 -16.57 6.37 35.62
CA PHE D 355 -17.55 5.29 35.58
C PHE D 355 -18.32 5.21 36.89
N LEU D 356 -17.61 4.95 37.99
CA LEU D 356 -18.27 4.64 39.25
C LEU D 356 -19.12 5.81 39.75
N ILE D 357 -18.62 7.04 39.61
CA ILE D 357 -19.32 8.19 40.19
C ILE D 357 -20.39 8.77 39.27
N CYS D 358 -20.36 8.48 37.97
CA CYS D 358 -21.29 9.12 37.05
C CYS D 358 -22.23 8.14 36.36
N SER D 359 -21.72 7.04 35.82
CA SER D 359 -22.58 6.15 35.06
C SER D 359 -23.45 5.29 35.96
N LEU D 360 -22.93 4.87 37.10
CA LEU D 360 -23.62 3.99 38.02
C LEU D 360 -24.80 4.62 38.75
N PRO D 361 -24.78 5.94 39.07
CA PRO D 361 -25.93 6.52 39.78
C PRO D 361 -27.29 6.27 39.13
N LEU D 362 -27.38 6.30 37.81
CA LEU D 362 -28.66 6.02 37.16
C LEU D 362 -29.13 4.60 37.44
N SER D 363 -28.21 3.62 37.38
CA SER D 363 -28.56 2.24 37.67
C SER D 363 -28.96 2.06 39.13
N ILE D 364 -28.24 2.70 40.05
CA ILE D 364 -28.60 2.56 41.45
C ILE D 364 -29.92 3.26 41.74
N TYR D 365 -30.24 4.34 41.02
CA TYR D 365 -31.55 4.95 41.14
C TYR D 365 -32.64 4.02 40.65
N TRP D 366 -32.39 3.31 39.55
CA TRP D 366 -33.32 2.26 39.12
C TRP D 366 -33.52 1.23 40.22
N PHE D 367 -32.42 0.80 40.83
CA PHE D 367 -32.50 -0.24 41.87
C PHE D 367 -33.28 0.24 43.09
N VAL D 368 -33.05 1.47 43.53
CA VAL D 368 -33.68 1.98 44.75
C VAL D 368 -35.07 2.56 44.51
N LEU D 369 -35.47 2.76 43.26
CA LEU D 369 -36.84 3.18 43.00
C LEU D 369 -37.83 2.13 43.50
N TYR D 370 -37.54 0.86 43.24
CA TYR D 370 -38.26 -0.25 43.84
C TYR D 370 -37.43 -0.78 45.01
N TRP D 371 -37.88 -1.90 45.58
CA TRP D 371 -37.21 -2.59 46.69
C TRP D 371 -37.08 -1.71 47.93
N LEU D 372 -37.76 -0.57 47.97
CA LEU D 372 -37.72 0.34 49.10
C LEU D 372 -39.07 1.06 49.19
N SER D 373 -39.13 2.05 50.06
CA SER D 373 -40.33 2.88 50.26
C SER D 373 -39.94 4.35 50.31
N LEU D 374 -39.12 4.77 49.35
CA LEU D 374 -38.63 6.14 49.34
C LEU D 374 -39.78 7.11 49.07
N PRO D 375 -39.84 8.23 49.81
CA PRO D 375 -40.90 9.21 49.56
C PRO D 375 -40.71 9.88 48.21
N PRO D 376 -41.79 10.36 47.59
CA PRO D 376 -41.66 11.02 46.29
C PRO D 376 -41.15 12.45 46.35
N GLU D 377 -40.82 12.96 47.55
CA GLU D 377 -40.37 14.34 47.65
C GLU D 377 -39.03 14.55 46.97
N MET D 378 -38.05 13.71 47.26
CA MET D 378 -36.72 13.81 46.68
C MET D 378 -36.50 12.84 45.54
N GLN D 379 -37.53 12.12 45.10
CA GLN D 379 -37.37 11.22 43.96
C GLN D 379 -37.02 11.99 42.69
N VAL D 380 -37.67 13.14 42.48
CA VAL D 380 -37.37 13.95 41.30
C VAL D 380 -35.94 14.48 41.37
N LEU D 381 -35.50 14.91 42.56
CA LEU D 381 -34.14 15.39 42.71
C LEU D 381 -33.12 14.28 42.45
N CYS D 382 -33.39 13.08 42.96
CA CYS D 382 -32.50 11.96 42.71
C CYS D 382 -32.44 11.60 41.24
N PHE D 383 -33.59 11.62 40.56
CA PHE D 383 -33.61 11.33 39.12
C PHE D 383 -32.83 12.37 38.34
N SER D 384 -32.99 13.65 38.70
CA SER D 384 -32.25 14.71 38.01
C SER D 384 -30.74 14.58 38.25
N LEU D 385 -30.34 14.25 39.48
CA LEU D 385 -28.93 14.05 39.77
C LEU D 385 -28.35 12.89 38.99
N SER D 386 -29.11 11.77 38.92
CA SER D 386 -28.64 10.62 38.14
C SER D 386 -28.51 10.96 36.66
N ARG D 387 -29.49 11.70 36.13
CA ARG D 387 -29.43 12.10 34.73
C ARG D 387 -28.22 12.99 34.46
N LEU D 388 -27.96 13.94 35.36
CA LEU D 388 -26.79 14.80 35.19
C LEU D 388 -25.50 14.01 35.25
N SER D 389 -25.41 13.06 36.18
CA SER D 389 -24.19 12.25 36.29
C SER D 389 -23.97 11.42 35.04
N SER D 390 -25.03 10.77 34.53
CA SER D 390 -24.90 9.98 33.32
C SER D 390 -24.54 10.85 32.12
N SER D 391 -25.09 12.07 32.06
CA SER D 391 -24.74 12.99 30.99
C SER D 391 -23.28 13.38 31.06
N VAL D 392 -22.78 13.65 32.26
CA VAL D 392 -21.38 14.01 32.43
C VAL D 392 -20.48 12.84 31.99
N SER D 393 -20.84 11.63 32.37
CA SER D 393 -20.06 10.46 31.95
C SER D 393 -20.07 10.31 30.44
N SER D 394 -21.24 10.47 29.81
CA SER D 394 -21.33 10.30 28.36
C SER D 394 -20.55 11.39 27.63
N SER D 395 -20.56 12.61 28.15
CA SER D 395 -19.85 13.71 27.51
C SER D 395 -18.35 13.60 27.72
N ALA D 396 -17.91 13.05 28.85
CA ALA D 396 -16.49 12.93 29.13
C ALA D 396 -15.87 11.66 28.56
N ASN D 397 -16.69 10.68 28.17
CA ASN D 397 -16.14 9.46 27.57
C ASN D 397 -15.34 9.72 26.30
N PRO D 398 -15.81 10.51 25.33
CA PRO D 398 -14.99 10.74 24.13
C PRO D 398 -13.66 11.41 24.44
N VAL D 399 -13.63 12.34 25.40
CA VAL D 399 -12.39 13.04 25.71
C VAL D 399 -11.34 12.09 26.27
N ILE D 400 -11.75 11.21 27.20
CA ILE D 400 -10.79 10.32 27.84
C ILE D 400 -10.59 9.01 27.10
N TYR D 401 -11.35 8.74 26.03
CA TYR D 401 -11.18 7.52 25.28
C TYR D 401 -10.71 7.72 23.84
N PHE D 402 -10.79 8.95 23.32
CA PHE D 402 -10.32 9.23 21.97
C PHE D 402 -9.21 10.27 21.95
N LEU D 403 -9.39 11.40 22.64
CA LEU D 403 -8.34 12.42 22.67
C LEU D 403 -7.11 11.91 23.40
N VAL D 404 -7.30 11.31 24.58
CA VAL D 404 -6.18 10.68 25.27
C VAL D 404 -5.68 9.47 24.50
N GLY D 405 -6.59 8.64 24.01
CA GLY D 405 -6.22 7.48 23.22
C GLY D 405 -6.05 7.81 21.75
N SER D 406 -5.14 8.73 21.44
CA SER D 406 -4.91 9.18 20.07
C SER D 406 -3.44 8.99 19.73
N ARG D 407 -3.16 8.02 18.86
CA ARG D 407 -1.83 7.83 18.30
C ARG D 407 -1.85 7.77 16.78
N ARG D 408 -2.88 7.17 16.19
CA ARG D 408 -3.04 7.13 14.74
C ARG D 408 -3.82 8.32 14.19
N SER D 409 -4.36 9.17 15.06
CA SER D 409 -5.06 10.37 14.64
C SER D 409 -4.16 11.58 14.52
N HIS D 410 -2.86 11.41 14.75
CA HIS D 410 -1.91 12.52 14.65
C HIS D 410 -1.45 12.71 13.21
N VAL E 39 -0.09 -24.63 -22.29
CA VAL E 39 -1.52 -24.41 -22.10
C VAL E 39 -2.32 -25.47 -22.83
N GLN E 40 -3.12 -26.23 -22.08
CA GLN E 40 -3.97 -27.24 -22.69
C GLN E 40 -5.20 -27.48 -21.83
N LEU E 41 -6.33 -27.72 -22.50
CA LEU E 41 -7.61 -28.01 -21.87
C LEU E 41 -8.15 -29.28 -22.50
N VAL E 42 -8.24 -30.36 -21.72
CA VAL E 42 -8.74 -31.64 -22.20
C VAL E 42 -10.10 -31.87 -21.57
N GLU E 43 -11.13 -31.95 -22.41
CA GLU E 43 -12.50 -32.15 -21.95
C GLU E 43 -12.85 -33.63 -22.02
N SER E 44 -13.41 -34.15 -20.94
CA SER E 44 -13.76 -35.55 -20.82
C SER E 44 -15.21 -35.70 -20.40
N GLY E 45 -15.78 -36.86 -20.73
CA GLY E 45 -17.18 -37.14 -20.50
C GLY E 45 -17.85 -37.61 -21.79
N GLY E 46 -19.05 -37.12 -22.03
CA GLY E 46 -19.70 -37.42 -23.30
C GLY E 46 -20.09 -38.88 -23.42
N GLY E 47 -20.38 -39.25 -24.66
CA GLY E 47 -20.82 -40.59 -24.98
C GLY E 47 -22.29 -40.64 -25.34
N LEU E 48 -22.82 -41.86 -25.31
CA LEU E 48 -24.23 -42.11 -25.61
C LEU E 48 -25.06 -42.03 -24.33
N VAL E 49 -26.12 -41.23 -24.38
CA VAL E 49 -26.99 -41.00 -23.22
C VAL E 49 -28.43 -41.22 -23.64
N GLN E 50 -29.16 -41.98 -22.85
CA GLN E 50 -30.59 -42.15 -23.08
C GLN E 50 -31.33 -40.84 -22.78
N PRO E 51 -32.44 -40.59 -23.46
CA PRO E 51 -33.19 -39.35 -23.19
C PRO E 51 -33.67 -39.30 -21.75
N GLY E 52 -33.64 -38.09 -21.18
CA GLY E 52 -34.03 -37.91 -19.80
C GLY E 52 -32.99 -38.34 -18.78
N GLY E 53 -31.80 -38.71 -19.22
CA GLY E 53 -30.73 -39.12 -18.33
C GLY E 53 -29.88 -37.96 -17.87
N SER E 54 -28.74 -38.30 -17.26
CA SER E 54 -27.81 -37.31 -16.76
C SER E 54 -26.39 -37.76 -17.04
N ARG E 55 -25.49 -36.79 -17.20
CA ARG E 55 -24.07 -37.07 -17.38
C ARG E 55 -23.26 -35.89 -16.85
N LYS E 56 -22.01 -36.19 -16.50
CA LYS E 56 -21.09 -35.20 -15.96
C LYS E 56 -19.95 -34.97 -16.95
N LEU E 57 -19.71 -33.70 -17.28
CA LEU E 57 -18.62 -33.29 -18.15
C LEU E 57 -17.54 -32.60 -17.32
N SER E 58 -16.28 -32.96 -17.58
CA SER E 58 -15.15 -32.40 -16.85
C SER E 58 -14.15 -31.83 -17.83
N CYS E 59 -13.31 -30.92 -17.33
CA CYS E 59 -12.19 -30.39 -18.11
C CYS E 59 -10.96 -30.33 -17.22
N SER E 60 -9.90 -31.02 -17.62
CA SER E 60 -8.66 -31.07 -16.86
C SER E 60 -7.68 -30.06 -17.47
N ALA E 61 -7.68 -28.86 -16.91
CA ALA E 61 -6.80 -27.81 -17.40
C ALA E 61 -5.38 -28.03 -16.90
N SER E 62 -4.40 -27.74 -17.76
CA SER E 62 -3.01 -27.82 -17.36
C SER E 62 -2.18 -26.82 -18.16
N GLY E 63 -1.04 -26.45 -17.61
CA GLY E 63 -0.12 -25.56 -18.29
C GLY E 63 -0.36 -24.08 -18.09
N PHE E 64 -1.30 -23.69 -17.22
CA PHE E 64 -1.57 -22.29 -16.97
C PHE E 64 -2.21 -22.15 -15.59
N ALA E 65 -2.26 -20.90 -15.11
CA ALA E 65 -2.82 -20.60 -13.81
C ALA E 65 -4.34 -20.70 -13.84
N PHE E 66 -4.88 -21.89 -13.56
CA PHE E 66 -6.30 -22.15 -13.76
C PHE E 66 -7.16 -21.29 -12.85
N SER E 67 -6.73 -21.08 -11.60
CA SER E 67 -7.56 -20.37 -10.63
C SER E 67 -7.75 -18.90 -10.98
N SER E 68 -6.93 -18.34 -11.85
CA SER E 68 -7.05 -16.93 -12.23
C SER E 68 -7.90 -16.74 -13.48
N PHE E 69 -8.37 -17.80 -14.10
CA PHE E 69 -9.12 -17.74 -15.35
C PHE E 69 -10.59 -18.04 -15.07
N GLY E 70 -11.48 -17.19 -15.57
CA GLY E 70 -12.87 -17.58 -15.72
C GLY E 70 -13.01 -18.64 -16.80
N MET E 71 -14.05 -19.47 -16.67
CA MET E 71 -14.14 -20.63 -17.53
C MET E 71 -15.55 -20.73 -18.11
N HIS E 72 -15.64 -20.96 -19.42
CA HIS E 72 -16.90 -21.07 -20.13
C HIS E 72 -17.04 -22.46 -20.72
N TRP E 73 -18.27 -22.96 -20.73
CA TRP E 73 -18.67 -24.12 -21.51
C TRP E 73 -19.47 -23.61 -22.70
N VAL E 74 -19.02 -23.95 -23.91
CA VAL E 74 -19.66 -23.55 -25.16
C VAL E 74 -20.04 -24.82 -25.90
N ARG E 75 -21.11 -24.75 -26.70
CA ARG E 75 -21.68 -25.91 -27.36
C ARG E 75 -21.72 -25.69 -28.87
N GLN E 76 -21.54 -26.77 -29.63
CA GLN E 76 -21.68 -26.73 -31.08
C GLN E 76 -22.46 -27.95 -31.53
N ALA E 77 -23.60 -27.72 -32.18
CA ALA E 77 -24.40 -28.80 -32.71
C ALA E 77 -23.66 -29.51 -33.84
N PRO E 78 -24.04 -30.76 -34.15
CA PRO E 78 -23.29 -31.51 -35.17
C PRO E 78 -23.21 -30.82 -36.52
N GLU E 79 -24.23 -30.04 -36.89
CA GLU E 79 -24.22 -29.32 -38.16
C GLU E 79 -24.33 -27.81 -38.01
N LYS E 80 -24.81 -27.30 -36.87
CA LYS E 80 -25.04 -25.89 -36.68
C LYS E 80 -23.77 -25.22 -36.15
N GLY E 81 -23.89 -23.97 -35.74
CA GLY E 81 -22.76 -23.19 -35.24
C GLY E 81 -22.53 -23.39 -33.76
N LEU E 82 -21.80 -22.45 -33.17
CA LEU E 82 -21.47 -22.50 -31.76
C LEU E 82 -22.55 -21.83 -30.93
N GLU E 83 -22.67 -22.27 -29.68
CA GLU E 83 -23.68 -21.75 -28.77
C GLU E 83 -23.12 -21.75 -27.35
N TRP E 84 -23.17 -20.58 -26.70
CA TRP E 84 -22.68 -20.47 -25.34
C TRP E 84 -23.62 -21.17 -24.37
N VAL E 85 -23.04 -21.84 -23.37
CA VAL E 85 -23.83 -22.63 -22.44
C VAL E 85 -23.71 -22.09 -21.02
N ALA E 86 -22.49 -22.06 -20.48
CA ALA E 86 -22.32 -21.73 -19.08
C ALA E 86 -21.02 -20.97 -18.84
N TYR E 87 -20.97 -20.25 -17.73
CA TYR E 87 -19.79 -19.47 -17.36
C TYR E 87 -19.65 -19.45 -15.84
N ILE E 88 -18.43 -19.64 -15.36
CA ILE E 88 -18.11 -19.49 -13.94
C ILE E 88 -16.87 -18.62 -13.82
N SER E 89 -16.93 -17.64 -12.94
CA SER E 89 -15.87 -16.64 -12.83
C SER E 89 -14.67 -17.20 -12.07
N SER E 90 -13.64 -16.37 -11.92
CA SER E 90 -12.46 -16.76 -11.17
C SER E 90 -12.76 -16.72 -9.67
N GLY E 91 -12.37 -17.77 -8.97
CA GLY E 91 -12.70 -17.89 -7.57
C GLY E 91 -14.11 -18.35 -7.28
N SER E 92 -14.80 -18.90 -8.28
CA SER E 92 -16.17 -19.40 -8.13
C SER E 92 -17.10 -18.31 -7.62
N GLY E 93 -17.10 -17.17 -8.29
CA GLY E 93 -17.93 -16.06 -7.90
C GLY E 93 -19.24 -16.03 -8.66
N THR E 94 -19.37 -15.11 -9.61
CA THR E 94 -20.57 -15.05 -10.44
C THR E 94 -20.64 -16.26 -11.36
N ILE E 95 -21.86 -16.78 -11.53
CA ILE E 95 -22.12 -17.91 -12.43
C ILE E 95 -23.27 -17.51 -13.34
N TYR E 96 -23.13 -17.83 -14.63
CA TYR E 96 -24.14 -17.52 -15.63
C TYR E 96 -24.48 -18.77 -16.43
N TYR E 97 -25.74 -18.89 -16.81
CA TYR E 97 -26.22 -20.01 -17.61
C TYR E 97 -27.00 -19.48 -18.81
N ALA E 98 -27.06 -20.31 -19.85
CA ALA E 98 -27.89 -20.00 -20.99
C ALA E 98 -29.36 -20.27 -20.66
N ASP E 99 -30.25 -19.51 -21.30
CA ASP E 99 -31.68 -19.66 -21.03
C ASP E 99 -32.16 -21.05 -21.41
N THR E 100 -31.66 -21.60 -22.52
CA THR E 100 -32.11 -22.90 -22.99
C THR E 100 -31.63 -24.04 -22.10
N VAL E 101 -30.65 -23.80 -21.23
CA VAL E 101 -30.14 -24.81 -20.32
C VAL E 101 -30.22 -24.39 -18.86
N LYS E 102 -30.77 -23.23 -18.56
CA LYS E 102 -30.87 -22.77 -17.18
C LYS E 102 -31.76 -23.70 -16.37
N GLY E 103 -31.35 -24.00 -15.16
CA GLY E 103 -32.08 -24.90 -14.28
C GLY E 103 -31.65 -26.35 -14.32
N ARG E 104 -31.52 -26.93 -15.51
CA ARG E 104 -31.13 -28.33 -15.64
C ARG E 104 -29.63 -28.52 -15.78
N PHE E 105 -28.86 -27.45 -15.93
CA PHE E 105 -27.41 -27.52 -16.02
C PHE E 105 -26.80 -26.80 -14.83
N THR E 106 -25.61 -27.27 -14.42
CA THR E 106 -24.84 -26.58 -13.40
C THR E 106 -23.36 -26.68 -13.74
N ILE E 107 -22.60 -25.65 -13.38
CA ILE E 107 -21.18 -25.58 -13.67
C ILE E 107 -20.44 -25.28 -12.37
N SER E 108 -19.34 -26.00 -12.15
CA SER E 108 -18.54 -25.84 -10.94
C SER E 108 -17.06 -25.99 -11.30
N ARG E 109 -16.19 -25.71 -10.33
CA ARG E 109 -14.76 -25.83 -10.57
C ARG E 109 -14.07 -26.24 -9.28
N ASP E 110 -12.95 -26.94 -9.44
CA ASP E 110 -12.06 -27.31 -8.35
C ASP E 110 -10.69 -26.75 -8.71
N ASP E 111 -10.37 -25.57 -8.14
CA ASP E 111 -9.06 -24.96 -8.38
C ASP E 111 -7.90 -25.79 -7.85
N PRO E 112 -7.94 -26.33 -6.63
CA PRO E 112 -6.81 -27.18 -6.19
C PRO E 112 -6.60 -28.39 -7.08
N LYS E 113 -7.66 -28.95 -7.65
CA LYS E 113 -7.54 -30.03 -8.61
C LYS E 113 -7.42 -29.53 -10.05
N ASN E 114 -7.57 -28.23 -10.28
CA ASN E 114 -7.43 -27.63 -11.60
C ASN E 114 -8.38 -28.29 -12.61
N THR E 115 -9.65 -28.41 -12.24
CA THR E 115 -10.62 -29.08 -13.09
C THR E 115 -11.92 -28.31 -13.12
N LEU E 116 -12.61 -28.33 -14.26
CA LEU E 116 -13.89 -27.67 -14.42
C LEU E 116 -14.95 -28.70 -14.74
N PHE E 117 -16.07 -28.67 -14.00
CA PHE E 117 -17.14 -29.65 -14.13
C PHE E 117 -18.39 -28.99 -14.68
N LEU E 118 -19.10 -29.72 -15.53
CA LEU E 118 -20.44 -29.36 -15.99
C LEU E 118 -21.35 -30.56 -15.78
N GLN E 119 -22.31 -30.44 -14.86
CA GLN E 119 -23.27 -31.49 -14.58
C GLN E 119 -24.59 -31.15 -15.24
N MET E 120 -25.11 -32.10 -16.03
CA MET E 120 -26.34 -31.90 -16.77
C MET E 120 -27.37 -32.95 -16.35
N THR E 121 -28.62 -32.51 -16.21
CA THR E 121 -29.71 -33.37 -15.79
C THR E 121 -30.87 -33.23 -16.76
N SER E 122 -31.61 -34.32 -16.93
CA SER E 122 -32.75 -34.39 -17.85
C SER E 122 -32.32 -34.01 -19.27
N LEU E 123 -31.40 -34.79 -19.80
CA LEU E 123 -30.81 -34.51 -21.11
C LEU E 123 -31.86 -34.78 -22.19
N ARG E 124 -32.36 -33.71 -22.81
CA ARG E 124 -33.31 -33.85 -23.90
C ARG E 124 -32.58 -34.21 -25.19
N SER E 125 -33.34 -34.40 -26.27
CA SER E 125 -32.76 -34.77 -27.54
C SER E 125 -32.10 -33.60 -28.27
N GLU E 126 -32.25 -32.39 -27.76
CA GLU E 126 -31.61 -31.22 -28.36
C GLU E 126 -30.23 -30.94 -27.76
N ASP E 127 -29.74 -31.80 -26.87
CA ASP E 127 -28.46 -31.61 -26.21
C ASP E 127 -27.35 -32.45 -26.81
N THR E 128 -27.58 -33.09 -27.95
CA THR E 128 -26.54 -33.86 -28.64
C THR E 128 -25.66 -32.89 -29.41
N ALA E 129 -24.42 -32.72 -28.96
CA ALA E 129 -23.52 -31.73 -29.54
C ALA E 129 -22.12 -31.96 -28.98
N MET E 130 -21.17 -31.17 -29.47
CA MET E 130 -19.80 -31.20 -28.98
C MET E 130 -19.56 -29.98 -28.09
N TYR E 131 -19.03 -30.24 -26.90
CA TYR E 131 -18.84 -29.21 -25.88
C TYR E 131 -17.38 -28.84 -25.80
N TYR E 132 -17.09 -27.54 -25.90
CA TYR E 132 -15.76 -27.00 -25.76
C TYR E 132 -15.65 -26.23 -24.45
N CYS E 133 -14.47 -26.26 -23.87
CA CYS E 133 -14.17 -25.52 -22.65
C CYS E 133 -13.20 -24.40 -22.99
N VAL E 134 -13.54 -23.18 -22.60
CA VAL E 134 -12.80 -21.99 -23.00
C VAL E 134 -12.34 -21.25 -21.75
N ARG E 135 -11.04 -20.96 -21.68
CA ARG E 135 -10.52 -20.11 -20.61
C ARG E 135 -10.63 -18.64 -21.03
N SER E 136 -10.80 -17.78 -20.03
CA SER E 136 -11.09 -16.38 -20.31
C SER E 136 -10.71 -15.56 -19.09
N ILE E 137 -9.68 -14.73 -19.22
CA ILE E 137 -9.21 -13.87 -18.13
C ILE E 137 -9.70 -12.45 -18.42
N TYR E 138 -10.05 -11.73 -17.36
CA TYR E 138 -10.68 -10.42 -17.48
C TYR E 138 -9.94 -9.39 -16.64
N TYR E 139 -9.08 -8.60 -17.29
CA TYR E 139 -8.54 -7.38 -16.73
C TYR E 139 -8.32 -6.42 -17.89
N TYR E 140 -7.77 -5.25 -17.60
CA TYR E 140 -7.56 -4.25 -18.65
C TYR E 140 -6.54 -4.77 -19.67
N GLY E 141 -6.94 -4.82 -20.93
CA GLY E 141 -6.05 -5.24 -21.98
C GLY E 141 -5.90 -6.73 -22.15
N SER E 142 -6.67 -7.54 -21.43
CA SER E 142 -6.58 -8.98 -21.58
C SER E 142 -7.27 -9.43 -22.86
N SER E 143 -7.07 -10.70 -23.20
CA SER E 143 -7.68 -11.33 -24.37
C SER E 143 -8.56 -12.48 -23.90
N PRO E 144 -9.85 -12.24 -23.69
CA PRO E 144 -10.74 -13.32 -23.28
C PRO E 144 -10.95 -14.33 -24.40
N PHE E 145 -11.36 -15.53 -24.01
CA PHE E 145 -11.64 -16.64 -24.94
C PHE E 145 -10.42 -16.98 -25.78
N ASP E 146 -9.22 -16.83 -25.19
CA ASP E 146 -8.00 -16.97 -25.98
C ASP E 146 -7.68 -18.42 -26.30
N PHE E 147 -7.99 -19.35 -25.40
CA PHE E 147 -7.71 -20.76 -25.61
C PHE E 147 -8.98 -21.58 -25.48
N TRP E 148 -9.20 -22.46 -26.44
CA TRP E 148 -10.36 -23.34 -26.47
C TRP E 148 -9.93 -24.78 -26.30
N GLY E 149 -10.73 -25.55 -25.58
CA GLY E 149 -10.43 -26.96 -25.40
C GLY E 149 -10.72 -27.76 -26.65
N GLN E 150 -10.37 -29.05 -26.59
CA GLN E 150 -10.61 -29.93 -27.73
C GLN E 150 -12.08 -30.30 -27.85
N GLY E 151 -12.80 -30.34 -26.75
CA GLY E 151 -14.22 -30.66 -26.77
C GLY E 151 -14.49 -32.14 -26.69
N THR E 152 -15.72 -32.46 -26.27
CA THR E 152 -16.18 -33.85 -26.16
C THR E 152 -17.59 -33.95 -26.72
N THR E 153 -17.90 -35.12 -27.29
CA THR E 153 -19.16 -35.33 -27.97
C THR E 153 -20.17 -35.99 -27.03
N LEU E 154 -21.38 -35.46 -26.99
CA LEU E 154 -22.49 -36.01 -26.21
C LEU E 154 -23.64 -36.28 -27.17
N THR E 155 -23.99 -37.55 -27.36
CA THR E 155 -25.06 -37.94 -28.26
C THR E 155 -26.21 -38.53 -27.44
N VAL E 156 -27.39 -37.97 -27.61
CA VAL E 156 -28.60 -38.43 -26.93
C VAL E 156 -29.56 -38.98 -27.99
N SER E 157 -30.08 -40.17 -27.74
CA SER E 157 -30.96 -40.82 -28.71
C SER E 157 -32.25 -40.03 -28.86
N SER E 158 -32.84 -40.13 -30.05
CA SER E 158 -34.09 -39.43 -30.35
C SER E 158 -35.29 -40.23 -29.86
N SER E 173 -34.48 -9.32 -26.05
CA SER E 173 -33.46 -9.12 -25.02
C SER E 173 -32.08 -9.53 -25.53
N ASP E 174 -31.99 -10.75 -26.04
CA ASP E 174 -30.73 -11.24 -26.57
C ASP E 174 -30.31 -10.45 -27.81
N ILE E 175 -29.00 -10.35 -28.00
CA ILE E 175 -28.44 -9.68 -29.18
C ILE E 175 -28.22 -10.72 -30.26
N VAL E 176 -28.70 -10.43 -31.47
CA VAL E 176 -28.68 -11.38 -32.58
C VAL E 176 -27.46 -11.09 -33.44
N MET E 177 -26.61 -12.09 -33.61
CA MET E 177 -25.49 -12.04 -34.54
C MET E 177 -25.90 -12.73 -35.83
N THR E 178 -25.81 -12.03 -36.95
CA THR E 178 -26.22 -12.59 -38.23
C THR E 178 -25.11 -12.40 -39.25
N GLN E 179 -24.74 -13.49 -39.93
CA GLN E 179 -23.77 -13.49 -41.01
C GLN E 179 -24.47 -14.04 -42.25
N ALA E 180 -24.71 -13.17 -43.23
CA ALA E 180 -25.50 -13.51 -44.41
C ALA E 180 -24.64 -14.12 -45.52
N THR E 181 -23.50 -14.70 -45.19
CA THR E 181 -22.63 -15.33 -46.17
C THR E 181 -22.24 -16.71 -45.68
N SER E 182 -22.03 -17.63 -46.64
CA SER E 182 -21.65 -19.00 -46.33
C SER E 182 -21.10 -19.65 -47.59
N SER E 183 -20.16 -20.58 -47.38
CA SER E 183 -19.57 -21.36 -48.46
C SER E 183 -18.99 -20.46 -49.55
N VAL E 184 -18.26 -19.43 -49.12
CA VAL E 184 -17.64 -18.49 -50.05
C VAL E 184 -16.38 -19.10 -50.63
N PRO E 185 -16.29 -19.27 -51.95
CA PRO E 185 -15.05 -19.77 -52.56
C PRO E 185 -14.12 -18.65 -52.97
N VAL E 186 -12.83 -18.86 -52.75
CA VAL E 186 -11.82 -17.86 -53.09
C VAL E 186 -10.49 -18.57 -53.26
N THR E 187 -9.76 -18.18 -54.30
CA THR E 187 -8.46 -18.76 -54.57
C THR E 187 -7.43 -18.22 -53.58
N PRO E 188 -6.45 -19.04 -53.17
CA PRO E 188 -5.42 -18.56 -52.24
C PRO E 188 -4.60 -17.44 -52.85
N GLY E 189 -4.14 -16.55 -51.97
CA GLY E 189 -3.36 -15.40 -52.39
C GLY E 189 -4.16 -14.13 -52.60
N GLU E 190 -5.49 -14.20 -52.61
CA GLU E 190 -6.32 -13.04 -52.79
C GLU E 190 -6.67 -12.43 -51.43
N SER E 191 -7.53 -11.43 -51.42
CA SER E 191 -8.01 -10.80 -50.19
C SER E 191 -9.49 -11.08 -50.03
N VAL E 192 -9.87 -11.62 -48.87
CA VAL E 192 -11.25 -12.02 -48.62
C VAL E 192 -11.76 -11.27 -47.39
N SER E 193 -12.94 -10.68 -47.51
CA SER E 193 -13.57 -9.92 -46.44
C SER E 193 -14.94 -10.52 -46.13
N ILE E 194 -15.18 -10.80 -44.85
CA ILE E 194 -16.46 -11.30 -44.38
C ILE E 194 -17.04 -10.30 -43.40
N SER E 195 -18.36 -10.35 -43.23
CA SER E 195 -19.07 -9.35 -42.46
C SER E 195 -19.95 -10.00 -41.41
N CYS E 196 -20.23 -9.23 -40.37
CA CYS E 196 -21.11 -9.64 -39.28
C CYS E 196 -21.97 -8.46 -38.86
N ARG E 197 -23.16 -8.76 -38.38
CA ARG E 197 -24.13 -7.75 -37.97
C ARG E 197 -24.63 -8.07 -36.57
N SER E 198 -25.10 -7.04 -35.88
CA SER E 198 -25.58 -7.17 -34.51
C SER E 198 -26.97 -6.54 -34.39
N SER E 199 -27.74 -7.04 -33.42
CA SER E 199 -29.06 -6.48 -33.15
C SER E 199 -28.95 -5.02 -32.70
N LYS E 200 -28.02 -4.74 -31.80
CA LYS E 200 -27.80 -3.38 -31.32
C LYS E 200 -26.29 -3.12 -31.28
N SER E 201 -25.93 -1.89 -30.93
CA SER E 201 -24.53 -1.50 -30.93
C SER E 201 -23.75 -2.24 -29.85
N LEU E 202 -22.64 -2.85 -30.24
CA LEU E 202 -21.74 -3.50 -29.29
C LEU E 202 -20.78 -2.52 -28.65
N LEU E 203 -20.67 -1.31 -29.18
CA LEU E 203 -19.84 -0.28 -28.56
C LEU E 203 -20.40 0.12 -27.21
N HIS E 204 -19.52 0.26 -26.23
CA HIS E 204 -19.92 0.60 -24.87
C HIS E 204 -19.48 2.03 -24.54
N SER E 205 -19.93 2.50 -23.37
CA SER E 205 -19.59 3.86 -22.94
C SER E 205 -18.10 4.01 -22.66
N ASN E 206 -17.42 2.93 -22.29
CA ASN E 206 -15.99 2.99 -22.02
C ASN E 206 -15.15 3.00 -23.29
N GLY E 207 -15.76 2.80 -24.45
CA GLY E 207 -15.05 2.84 -25.72
C GLY E 207 -14.70 1.49 -26.30
N ASN E 208 -15.09 0.40 -25.65
CA ASN E 208 -14.77 -0.94 -26.13
C ASN E 208 -15.94 -1.49 -26.95
N THR E 209 -15.64 -2.04 -28.12
CA THR E 209 -16.62 -2.70 -28.96
C THR E 209 -16.39 -4.20 -28.84
N TYR E 210 -17.24 -4.86 -28.05
CA TYR E 210 -17.02 -6.25 -27.65
C TYR E 210 -17.50 -7.18 -28.77
N LEU E 211 -16.67 -7.33 -29.79
CA LEU E 211 -16.89 -8.31 -30.85
C LEU E 211 -15.65 -9.16 -31.01
N TYR E 212 -15.83 -10.48 -31.00
CA TYR E 212 -14.74 -11.45 -31.08
C TYR E 212 -14.88 -12.26 -32.35
N TRP E 213 -13.74 -12.58 -32.97
CA TRP E 213 -13.70 -13.38 -34.18
C TRP E 213 -13.02 -14.71 -33.89
N PHE E 214 -13.61 -15.80 -34.37
CA PHE E 214 -13.07 -17.13 -34.16
C PHE E 214 -12.99 -17.87 -35.48
N LEU E 215 -11.89 -18.59 -35.67
CA LEU E 215 -11.69 -19.44 -36.84
C LEU E 215 -11.70 -20.89 -36.40
N GLN E 216 -12.54 -21.70 -37.05
CA GLN E 216 -12.60 -23.13 -36.78
C GLN E 216 -12.17 -23.86 -38.05
N ARG E 217 -11.01 -24.49 -37.99
CA ARG E 217 -10.54 -25.31 -39.10
C ARG E 217 -11.32 -26.62 -39.14
N PRO E 218 -11.38 -27.26 -40.31
CA PRO E 218 -12.12 -28.53 -40.41
C PRO E 218 -11.52 -29.59 -39.49
N GLY E 219 -12.33 -30.07 -38.55
CA GLY E 219 -11.91 -31.08 -37.61
C GLY E 219 -11.17 -30.58 -36.40
N GLN E 220 -11.12 -29.25 -36.19
CA GLN E 220 -10.39 -28.68 -35.07
C GLN E 220 -11.29 -27.71 -34.30
N SER E 221 -10.92 -27.48 -33.05
CA SER E 221 -11.66 -26.55 -32.22
C SER E 221 -11.40 -25.12 -32.69
N PRO E 222 -12.37 -24.21 -32.48
CA PRO E 222 -12.17 -22.83 -32.91
C PRO E 222 -11.08 -22.15 -32.11
N GLN E 223 -10.42 -21.18 -32.76
CA GLN E 223 -9.34 -20.43 -32.14
C GLN E 223 -9.59 -18.94 -32.33
N LEU E 224 -9.19 -18.17 -31.32
CA LEU E 224 -9.42 -16.74 -31.35
C LEU E 224 -8.51 -16.06 -32.36
N LEU E 225 -9.07 -15.11 -33.11
CA LEU E 225 -8.32 -14.29 -34.05
C LEU E 225 -8.26 -12.83 -33.63
N ILE E 226 -9.41 -12.22 -33.40
CA ILE E 226 -9.51 -10.81 -33.02
C ILE E 226 -10.36 -10.77 -31.76
N TYR E 227 -9.77 -10.35 -30.64
CA TYR E 227 -10.45 -10.44 -29.35
C TYR E 227 -11.20 -9.19 -28.97
N ARG E 228 -11.24 -8.19 -29.84
CA ARG E 228 -12.18 -7.08 -29.77
C ARG E 228 -12.14 -6.42 -31.14
N MET E 229 -13.06 -5.47 -31.36
CA MET E 229 -13.09 -4.81 -32.66
C MET E 229 -11.73 -4.19 -32.95
N SER E 230 -11.03 -4.73 -33.96
CA SER E 230 -9.69 -4.29 -34.34
C SER E 230 -8.68 -4.49 -33.19
N ASN E 231 -8.52 -5.74 -32.79
CA ASN E 231 -7.56 -6.10 -31.73
C ASN E 231 -7.04 -7.49 -32.03
N LEU E 232 -5.90 -7.56 -32.71
CA LEU E 232 -5.33 -8.84 -33.12
C LEU E 232 -4.86 -9.64 -31.93
N ALA E 233 -5.07 -10.96 -31.98
CA ALA E 233 -4.74 -11.84 -30.87
C ALA E 233 -3.25 -12.16 -30.90
N SER E 234 -2.83 -13.11 -30.06
CA SER E 234 -1.43 -13.47 -29.89
C SER E 234 -1.13 -14.77 -30.63
N GLY E 235 -0.10 -14.74 -31.47
CA GLY E 235 0.30 -15.91 -32.23
C GLY E 235 -0.38 -16.08 -33.57
N VAL E 236 -1.36 -15.24 -33.90
CA VAL E 236 -2.05 -15.34 -35.18
C VAL E 236 -1.31 -14.48 -36.20
N PRO E 237 -1.34 -14.86 -37.48
CA PRO E 237 -0.63 -14.06 -38.50
C PRO E 237 -1.19 -12.65 -38.61
N ASP E 238 -0.32 -11.72 -38.99
CA ASP E 238 -0.68 -10.31 -39.08
C ASP E 238 -1.62 -10.00 -40.23
N ARG E 239 -1.84 -10.94 -41.16
CA ARG E 239 -2.70 -10.65 -42.30
C ARG E 239 -4.15 -10.46 -41.90
N PHE E 240 -4.60 -11.14 -40.84
CA PHE E 240 -5.96 -10.96 -40.36
C PHE E 240 -6.14 -9.57 -39.77
N SER E 241 -7.28 -8.94 -40.06
CA SER E 241 -7.55 -7.62 -39.54
C SER E 241 -9.04 -7.47 -39.29
N GLY E 242 -9.40 -7.06 -38.07
CA GLY E 242 -10.78 -6.78 -37.71
C GLY E 242 -11.06 -5.29 -37.79
N SER E 243 -12.30 -4.96 -38.15
CA SER E 243 -12.71 -3.57 -38.28
C SER E 243 -14.23 -3.52 -38.16
N GLY E 244 -14.77 -2.30 -38.19
CA GLY E 244 -16.20 -2.12 -38.10
C GLY E 244 -16.56 -0.97 -37.20
N SER E 245 -17.86 -0.68 -37.05
CA SER E 245 -18.28 0.44 -36.22
C SER E 245 -19.76 0.28 -35.91
N GLY E 246 -20.10 0.22 -34.62
CA GLY E 246 -21.49 0.20 -34.23
C GLY E 246 -22.11 -1.18 -34.28
N THR E 247 -22.86 -1.44 -35.35
CA THR E 247 -23.55 -2.71 -35.53
C THR E 247 -23.02 -3.54 -36.69
N ALA E 248 -22.17 -2.98 -37.54
CA ALA E 248 -21.62 -3.68 -38.68
C ALA E 248 -20.12 -3.86 -38.50
N PHE E 249 -19.65 -5.09 -38.64
CA PHE E 249 -18.24 -5.42 -38.44
C PHE E 249 -17.74 -6.27 -39.61
N THR E 250 -16.43 -6.26 -39.80
CA THR E 250 -15.80 -6.92 -40.93
C THR E 250 -14.47 -7.53 -40.50
N LEU E 251 -14.18 -8.72 -41.03
CA LEU E 251 -12.88 -9.36 -40.87
C LEU E 251 -12.27 -9.57 -42.25
N THR E 252 -11.04 -9.12 -42.42
CA THR E 252 -10.36 -9.14 -43.70
C THR E 252 -9.07 -9.95 -43.62
N ILE E 253 -8.82 -10.76 -44.64
CA ILE E 253 -7.58 -11.49 -44.79
C ILE E 253 -6.93 -11.02 -46.09
N SER E 254 -5.73 -10.45 -45.98
CA SER E 254 -5.09 -9.81 -47.13
C SER E 254 -4.62 -10.85 -48.14
N ARG E 255 -3.96 -11.91 -47.67
CA ARG E 255 -3.44 -12.96 -48.55
C ARG E 255 -3.70 -14.30 -47.85
N LEU E 256 -4.84 -14.90 -48.13
CA LEU E 256 -5.19 -16.15 -47.47
C LEU E 256 -4.33 -17.29 -47.99
N GLU E 257 -3.80 -18.09 -47.06
CA GLU E 257 -3.04 -19.27 -47.41
C GLU E 257 -3.98 -20.46 -47.54
N ALA E 258 -3.42 -21.67 -47.63
CA ALA E 258 -4.22 -22.89 -47.65
C ALA E 258 -4.56 -23.37 -46.25
N GLU E 259 -4.07 -22.71 -45.21
CA GLU E 259 -4.30 -23.13 -43.83
C GLU E 259 -5.45 -22.38 -43.17
N ASP E 260 -5.67 -21.11 -43.50
CA ASP E 260 -6.75 -20.34 -42.90
C ASP E 260 -8.06 -20.54 -43.66
N VAL E 261 -8.44 -21.80 -43.83
CA VAL E 261 -9.69 -22.17 -44.50
C VAL E 261 -10.55 -22.90 -43.49
N GLY E 262 -11.78 -22.42 -43.30
CA GLY E 262 -12.67 -23.02 -42.33
C GLY E 262 -13.93 -22.21 -42.16
N VAL E 263 -14.45 -22.21 -40.93
CA VAL E 263 -15.68 -21.52 -40.58
C VAL E 263 -15.34 -20.37 -39.66
N TYR E 264 -15.86 -19.19 -39.96
CA TYR E 264 -15.56 -17.97 -39.22
C TYR E 264 -16.80 -17.52 -38.45
N TYR E 265 -16.65 -17.36 -37.14
CA TYR E 265 -17.75 -16.98 -36.27
C TYR E 265 -17.48 -15.64 -35.61
N CYS E 266 -18.52 -14.83 -35.49
CA CYS E 266 -18.49 -13.61 -34.72
C CYS E 266 -19.31 -13.79 -33.45
N MET E 267 -18.75 -13.38 -32.33
CA MET E 267 -19.40 -13.52 -31.04
C MET E 267 -19.41 -12.17 -30.34
N GLN E 268 -20.45 -11.93 -29.53
CA GLN E 268 -20.56 -10.71 -28.77
C GLN E 268 -20.29 -11.00 -27.29
N HIS E 269 -19.66 -10.04 -26.62
CA HIS E 269 -19.41 -10.13 -25.19
C HIS E 269 -19.95 -8.93 -24.43
N LEU E 270 -20.81 -8.13 -25.06
CA LEU E 270 -21.33 -6.92 -24.42
C LEU E 270 -22.18 -7.26 -23.20
N GLU E 271 -23.03 -8.28 -23.30
CA GLU E 271 -23.87 -8.68 -22.19
C GLU E 271 -24.22 -10.16 -22.34
N TYR E 272 -24.59 -10.77 -21.23
CA TYR E 272 -24.97 -12.17 -21.26
C TYR E 272 -26.44 -12.32 -21.64
N PRO E 273 -26.79 -13.38 -22.38
CA PRO E 273 -25.93 -14.47 -22.86
C PRO E 273 -25.06 -14.07 -24.03
N LEU E 274 -23.89 -14.71 -24.18
CA LEU E 274 -23.01 -14.43 -25.30
C LEU E 274 -23.51 -15.18 -26.53
N THR E 275 -23.92 -14.45 -27.54
CA THR E 275 -24.55 -15.02 -28.73
C THR E 275 -23.57 -15.02 -29.90
N PHE E 276 -23.43 -16.19 -30.52
CA PHE E 276 -22.60 -16.33 -31.71
C PHE E 276 -23.41 -15.99 -32.95
N GLY E 277 -22.73 -15.98 -34.09
CA GLY E 277 -23.39 -15.87 -35.37
C GLY E 277 -23.26 -17.16 -36.15
N ALA E 278 -24.13 -17.35 -37.15
CA ALA E 278 -24.00 -18.52 -38.01
C ALA E 278 -22.69 -18.44 -38.79
N GLY E 279 -22.04 -19.58 -38.97
CA GLY E 279 -20.72 -19.58 -39.55
C GLY E 279 -20.70 -19.10 -40.99
N THR E 280 -19.57 -18.51 -41.37
CA THR E 280 -19.31 -18.07 -42.75
C THR E 280 -18.18 -18.94 -43.27
N LYS E 281 -18.55 -20.00 -43.99
CA LYS E 281 -17.57 -20.96 -44.47
C LYS E 281 -16.74 -20.39 -45.61
N LEU E 282 -15.47 -20.77 -45.64
CA LEU E 282 -14.56 -20.43 -46.73
C LEU E 282 -14.08 -21.71 -47.38
N GLU E 283 -14.16 -21.76 -48.71
CA GLU E 283 -13.75 -22.92 -49.48
C GLU E 283 -12.66 -22.54 -50.46
N LEU E 284 -11.67 -23.41 -50.60
CA LEU E 284 -10.54 -23.16 -51.50
C LEU E 284 -10.99 -23.19 -52.95
#